data_5A2V
#
_entry.id   5A2V
#
_cell.length_a   59.391
_cell.length_b   94.367
_cell.length_c   191.849
_cell.angle_alpha   90.00
_cell.angle_beta   90.00
_cell.angle_gamma   90.00
#
_symmetry.space_group_name_H-M   'P 21 21 21'
#
loop_
_entity.id
_entity.type
_entity.pdbx_description
1 polymer 'MITOCHONDRIAL PROTEIN'
2 non-polymer 'CHLORIDE ION'
3 water water
#
_entity_poly.entity_id   1
_entity_poly.type   'polypeptide(L)'
_entity_poly.pdbx_seq_one_letter_code
;MHHHHHHSSGVDLGTENLYFQSMAGGAEETDAEVSARKKTFTEVQTERLEQADRSVLIKCPSKLNEKKLLQYLSSHGKID
NYFFFENRGIHALIEFSEKSSVASLQAVTGIPKAAEHHVVPYKSRLFTFTLKNPGSQAAEERPVKISPQSHIPVNELIPK
LCHADSISSQMYILLNEYQLTEENIKLRYLACSLVRDFARAYFPDSTVKPFGSSVNTFGKLGCDVDMFLDFHDIQKHATK
MKKGPFEMEYQMKRLPSERLATQKILSIIGDCLDNFGPGYSSVQKILNARCPLVKFSHQPTGFQCDLSVSNSIAIRCSEL
LYIYGCLDPRVRALVFSLRCWARVHGLTNSVPGTWITNFSLTMMIMFFLQKRSPPIIPTLDQLKELADEKDKHVIGGYDC
SFVSDLSKIKPTKNTETLDELLCDFFQYFGNFDFRKNSLNLRKGKEVNKPESSPLYIWNPFEQDLNISKNVNQPQLEKFV
AMARESAWILQKEDKTQQMINKEPWGLAAVLIPFGKSNPNTMKSRTKGIGSETIKSLLDSLKLSDANNLQKAVGK
;
_entity_poly.pdbx_strand_id   A,B
#
loop_
_chem_comp.id
_chem_comp.type
_chem_comp.name
_chem_comp.formula
CL non-polymer 'CHLORIDE ION' 'Cl -1'
#
# COMPACT_ATOMS: atom_id res chain seq x y z
N LYS A 39 -33.34 12.13 -13.84
CA LYS A 39 -32.18 11.54 -13.10
C LYS A 39 -32.51 11.27 -11.63
N THR A 40 -32.45 10.00 -11.24
CA THR A 40 -32.62 9.61 -9.83
C THR A 40 -31.35 9.93 -9.04
N PHE A 41 -31.45 9.90 -7.71
CA PHE A 41 -30.29 10.11 -6.84
C PHE A 41 -29.16 9.17 -7.22
N THR A 42 -29.48 7.89 -7.37
CA THR A 42 -28.50 6.88 -7.71
C THR A 42 -27.83 7.16 -9.06
N GLU A 43 -28.63 7.62 -10.03
CA GLU A 43 -28.11 7.96 -11.35
C GLU A 43 -27.21 9.21 -11.30
N VAL A 44 -27.55 10.17 -10.44
CA VAL A 44 -26.70 11.33 -10.22
C VAL A 44 -25.33 10.92 -9.65
N GLN A 45 -25.33 10.05 -8.63
CA GLN A 45 -24.08 9.59 -8.02
CA GLN A 45 -24.08 9.58 -8.03
C GLN A 45 -23.21 8.88 -9.06
N THR A 46 -23.82 7.97 -9.82
CA THR A 46 -23.09 7.20 -10.82
C THR A 46 -22.42 8.11 -11.84
N GLU A 47 -23.15 9.10 -12.32
CA GLU A 47 -22.63 10.05 -13.31
C GLU A 47 -21.51 10.89 -12.71
N ARG A 48 -21.72 11.40 -11.50
CA ARG A 48 -20.70 12.20 -10.80
C ARG A 48 -19.39 11.42 -10.60
N LEU A 49 -19.51 10.16 -10.19
CA LEU A 49 -18.33 9.34 -9.94
C LEU A 49 -17.59 9.00 -11.24
N GLU A 50 -18.35 8.73 -12.30
CA GLU A 50 -17.77 8.46 -13.61
C GLU A 50 -16.97 9.66 -14.12
N GLN A 51 -17.49 10.87 -13.90
CA GLN A 51 -16.79 12.09 -14.28
C GLN A 51 -15.53 12.30 -13.43
N ALA A 52 -15.62 12.03 -12.14
CA ALA A 52 -14.47 12.13 -11.23
C ALA A 52 -13.38 11.12 -11.59
N ASP A 53 -13.80 9.96 -12.08
CA ASP A 53 -12.90 8.88 -12.48
C ASP A 53 -11.97 9.27 -13.63
N ARG A 54 -12.41 10.22 -14.46
CA ARG A 54 -11.59 10.70 -15.57
C ARG A 54 -11.12 12.14 -15.36
N SER A 55 -10.99 12.53 -14.10
CA SER A 55 -10.53 13.87 -13.74
C SER A 55 -9.19 13.81 -13.02
N VAL A 56 -8.42 14.89 -13.11
CA VAL A 56 -7.14 15.01 -12.45
C VAL A 56 -7.00 16.38 -11.81
N LEU A 57 -6.05 16.50 -10.89
CA LEU A 57 -5.71 17.78 -10.26
C LEU A 57 -4.29 18.17 -10.64
N ILE A 58 -4.12 19.43 -11.03
CA ILE A 58 -2.80 19.93 -11.45
C ILE A 58 -2.43 21.17 -10.63
N LYS A 59 -1.29 21.11 -9.96
CA LYS A 59 -0.72 22.30 -9.32
C LYS A 59 -0.03 23.10 -10.41
N CYS A 60 -0.50 24.33 -10.61
CA CYS A 60 -0.11 25.12 -11.78
C CYS A 60 1.20 25.89 -11.59
N PRO A 61 1.90 26.21 -12.71
CA PRO A 61 3.11 27.05 -12.65
C PRO A 61 2.82 28.41 -12.03
N SER A 62 3.84 29.00 -11.42
CA SER A 62 3.75 30.34 -10.80
C SER A 62 3.20 31.37 -11.78
N LYS A 63 3.75 31.38 -12.99
CA LYS A 63 3.29 32.26 -14.06
C LYS A 63 2.41 31.44 -15.01
N LEU A 64 1.11 31.40 -14.71
CA LEU A 64 0.17 30.52 -15.39
C LEU A 64 -0.43 31.15 -16.65
N ASN A 65 -0.23 30.49 -17.78
CA ASN A 65 -0.94 30.83 -19.00
C ASN A 65 -2.03 29.77 -19.24
N GLU A 66 -3.28 30.18 -19.03
CA GLU A 66 -4.42 29.26 -19.12
C GLU A 66 -4.51 28.57 -20.48
N LYS A 67 -4.43 29.35 -21.56
CA LYS A 67 -4.57 28.81 -22.91
C LYS A 67 -3.50 27.77 -23.23
N LYS A 68 -2.24 28.09 -22.92
CA LYS A 68 -1.14 27.15 -23.17
C LYS A 68 -1.33 25.85 -22.40
N LEU A 69 -1.76 25.94 -21.14
CA LEU A 69 -1.98 24.76 -20.31
C LEU A 69 -3.03 23.85 -20.92
N LEU A 70 -4.18 24.44 -21.26
CA LEU A 70 -5.29 23.68 -21.83
C LEU A 70 -4.97 23.13 -23.22
N GLN A 71 -4.29 23.94 -24.03
CA GLN A 71 -3.84 23.48 -25.34
C GLN A 71 -2.96 22.24 -25.20
N TYR A 72 -2.02 22.27 -24.25
CA TYR A 72 -1.17 21.10 -24.03
C TYR A 72 -1.97 19.89 -23.54
N LEU A 73 -2.82 20.10 -22.53
CA LEU A 73 -3.59 19.00 -21.95
C LEU A 73 -4.55 18.37 -22.97
N SER A 74 -5.11 19.20 -23.86
CA SER A 74 -5.98 18.71 -24.94
C SER A 74 -5.25 17.78 -25.94
N SER A 75 -3.92 17.82 -25.97
CA SER A 75 -3.14 16.89 -26.78
C SER A 75 -3.23 15.45 -26.26
N HIS A 76 -3.63 15.29 -24.99
CA HIS A 76 -3.89 13.97 -24.42
C HIS A 76 -5.34 13.52 -24.59
N GLY A 77 -6.19 14.43 -25.09
CA GLY A 77 -7.61 14.13 -25.31
C GLY A 77 -8.49 15.31 -24.97
N LYS A 78 -9.74 15.27 -25.46
CA LYS A 78 -10.69 16.36 -25.23
C LYS A 78 -10.98 16.56 -23.74
N ILE A 79 -11.20 17.82 -23.36
CA ILE A 79 -11.53 18.18 -21.98
C ILE A 79 -12.98 18.69 -21.94
N ASP A 80 -13.83 18.00 -21.17
CA ASP A 80 -15.24 18.39 -21.03
C ASP A 80 -15.43 19.60 -20.12
N ASN A 81 -14.72 19.59 -18.99
CA ASN A 81 -14.85 20.65 -17.99
C ASN A 81 -13.51 20.91 -17.29
N TYR A 82 -13.31 22.13 -16.84
CA TYR A 82 -12.16 22.48 -16.02
C TYR A 82 -12.42 23.77 -15.26
N PHE A 83 -11.72 23.94 -14.14
CA PHE A 83 -11.75 25.20 -13.41
C PHE A 83 -10.50 25.34 -12.55
N PHE A 84 -10.27 26.54 -12.04
CA PHE A 84 -9.13 26.83 -11.18
C PHE A 84 -9.64 27.21 -9.80
N PHE A 85 -8.87 26.85 -8.78
CA PHE A 85 -9.17 27.26 -7.41
C PHE A 85 -7.88 27.56 -6.66
N GLU A 86 -8.00 28.40 -5.65
CA GLU A 86 -6.86 28.85 -4.84
C GLU A 86 -6.76 28.00 -3.59
N ASN A 87 -5.58 27.43 -3.37
CA ASN A 87 -5.30 26.67 -2.16
C ASN A 87 -3.78 26.49 -2.01
N ARG A 88 -3.14 27.50 -1.43
CA ARG A 88 -1.68 27.58 -1.36
C ARG A 88 -1.11 27.53 -2.79
N GLY A 89 -1.56 28.47 -3.62
CA GLY A 89 -1.23 28.48 -5.03
C GLY A 89 -2.43 28.05 -5.87
N ILE A 90 -2.32 28.22 -7.18
CA ILE A 90 -3.42 27.92 -8.10
C ILE A 90 -3.40 26.44 -8.46
N HIS A 91 -4.57 25.81 -8.35
CA HIS A 91 -4.76 24.44 -8.76
C HIS A 91 -5.84 24.38 -9.83
N ALA A 92 -5.74 23.39 -10.72
CA ALA A 92 -6.75 23.18 -11.74
C ALA A 92 -7.36 21.79 -11.63
N LEU A 93 -8.69 21.72 -11.67
CA LEU A 93 -9.38 20.46 -11.87
C LEU A 93 -9.61 20.31 -13.36
N ILE A 94 -9.18 19.18 -13.92
CA ILE A 94 -9.35 18.89 -15.35
C ILE A 94 -10.20 17.63 -15.47
N GLU A 95 -11.33 17.76 -16.15
CA GLU A 95 -12.21 16.63 -16.42
C GLU A 95 -12.09 16.24 -17.89
N PHE A 96 -11.39 15.15 -18.16
CA PHE A 96 -11.22 14.65 -19.53
C PHE A 96 -12.50 13.98 -20.03
N SER A 97 -12.74 14.06 -21.33
CA SER A 97 -13.88 13.40 -21.96
C SER A 97 -13.75 11.88 -21.86
N GLU A 98 -12.54 11.39 -22.08
CA GLU A 98 -12.23 9.95 -22.07
C GLU A 98 -11.28 9.62 -20.92
N LYS A 99 -11.54 8.51 -20.24
CA LYS A 99 -10.68 8.05 -19.16
C LYS A 99 -9.25 7.77 -19.63
N SER A 100 -9.10 7.27 -20.84
CA SER A 100 -7.78 6.95 -21.42
C SER A 100 -6.79 8.12 -21.37
N SER A 101 -7.31 9.34 -21.42
CA SER A 101 -6.49 10.55 -21.35
C SER A 101 -5.67 10.66 -20.06
N VAL A 102 -6.19 10.09 -18.98
CA VAL A 102 -5.48 10.09 -17.69
C VAL A 102 -4.18 9.30 -17.82
N ALA A 103 -4.27 8.08 -18.33
CA ALA A 103 -3.09 7.23 -18.54
C ALA A 103 -2.13 7.87 -19.53
N SER A 104 -2.66 8.58 -20.52
CA SER A 104 -1.85 9.29 -21.50
C SER A 104 -0.99 10.37 -20.82
N LEU A 105 -1.62 11.15 -19.94
CA LEU A 105 -0.91 12.18 -19.20
C LEU A 105 0.12 11.58 -18.23
N GLN A 106 -0.27 10.49 -17.57
CA GLN A 106 0.62 9.82 -16.63
C GLN A 106 1.85 9.24 -17.33
N ALA A 107 1.70 8.84 -18.60
CA ALA A 107 2.80 8.29 -19.39
C ALA A 107 3.95 9.28 -19.64
N VAL A 108 3.66 10.57 -19.58
CA VAL A 108 4.69 11.60 -19.75
C VAL A 108 5.04 12.32 -18.44
N THR A 109 4.54 11.81 -17.32
CA THR A 109 4.80 12.40 -16.01
C THR A 109 5.94 11.63 -15.34
N GLY A 110 6.92 12.38 -14.82
CA GLY A 110 8.17 11.80 -14.32
C GLY A 110 8.59 12.29 -12.94
N ILE A 111 9.44 11.51 -12.29
CA ILE A 111 10.06 11.88 -11.02
C ILE A 111 11.42 12.54 -11.32
N PRO A 112 11.67 13.74 -10.76
CA PRO A 112 12.97 14.39 -10.99
C PRO A 112 14.16 13.56 -10.50
N LYS A 113 15.31 13.75 -11.11
CA LYS A 113 16.54 13.06 -10.67
C LYS A 113 16.86 13.42 -9.22
N ALA A 114 16.65 14.68 -8.86
CA ALA A 114 16.88 15.16 -7.50
C ALA A 114 15.90 14.55 -6.48
N ALA A 115 14.74 14.11 -6.96
CA ALA A 115 13.71 13.51 -6.11
C ALA A 115 13.93 12.01 -5.88
N GLU A 116 14.65 11.35 -6.80
CA GLU A 116 14.93 9.92 -6.70
C GLU A 116 15.47 9.53 -5.32
N HIS A 117 14.97 8.42 -4.79
CA HIS A 117 15.36 7.91 -3.46
C HIS A 117 14.83 8.74 -2.29
N HIS A 118 14.23 9.91 -2.57
CA HIS A 118 13.75 10.81 -1.51
C HIS A 118 12.22 10.96 -1.52
N VAL A 119 11.52 10.05 -2.22
CA VAL A 119 10.06 10.12 -2.32
C VAL A 119 9.43 8.75 -2.15
N VAL A 120 8.15 8.76 -1.78
CA VAL A 120 7.32 7.56 -1.79
C VAL A 120 6.70 7.52 -3.17
N PRO A 121 7.13 6.57 -4.02
CA PRO A 121 6.78 6.64 -5.45
C PRO A 121 5.37 6.15 -5.79
N TYR A 122 4.37 6.62 -5.05
CA TYR A 122 2.98 6.33 -5.36
C TYR A 122 2.53 7.25 -6.49
N LYS A 123 2.15 6.66 -7.62
CA LYS A 123 1.65 7.43 -8.76
C LYS A 123 0.14 7.63 -8.62
N SER A 124 -0.30 8.86 -8.88
CA SER A 124 -1.67 9.29 -8.59
C SER A 124 -2.21 10.13 -9.74
N ARG A 125 -3.34 10.79 -9.51
CA ARG A 125 -3.86 11.79 -10.45
C ARG A 125 -3.65 13.21 -9.91
N LEU A 126 -2.62 13.37 -9.08
CA LEU A 126 -2.18 14.67 -8.58
C LEU A 126 -0.87 15.03 -9.28
N PHE A 127 -0.91 16.08 -10.10
CA PHE A 127 0.24 16.47 -10.91
C PHE A 127 0.75 17.84 -10.50
N THR A 128 2.04 18.06 -10.70
CA THR A 128 2.65 19.38 -10.54
C THR A 128 3.29 19.76 -11.87
N PHE A 129 2.85 20.89 -12.42
CA PHE A 129 3.34 21.38 -13.70
C PHE A 129 4.23 22.59 -13.45
N THR A 130 5.42 22.55 -14.03
CA THR A 130 6.32 23.70 -14.02
C THR A 130 6.82 23.92 -15.44
N LEU A 131 7.44 25.06 -15.69
CA LEU A 131 7.92 25.39 -17.03
C LEU A 131 9.31 24.80 -17.30
N LYS A 132 9.46 24.19 -18.47
CA LYS A 132 10.73 23.58 -18.90
C LYS A 132 11.81 24.64 -18.95
N ASN A 133 11.47 25.77 -19.55
CA ASN A 133 12.32 26.95 -19.53
C ASN A 133 11.51 28.13 -18.98
N PRO A 134 11.79 28.54 -17.72
CA PRO A 134 11.16 29.74 -17.16
C PRO A 134 11.40 30.99 -18.00
N GLY A 135 12.47 30.99 -18.79
CA GLY A 135 12.78 32.07 -19.72
C GLY A 135 12.16 31.99 -21.11
N SER A 136 11.17 31.12 -21.30
CA SER A 136 10.54 30.93 -22.61
C SER A 136 9.09 31.42 -22.69
N GLN A 137 8.62 32.20 -21.72
CA GLN A 137 7.27 32.76 -21.81
C GLN A 137 7.16 33.71 -23.00
N ALA A 138 6.15 33.50 -23.83
CA ALA A 138 5.95 34.27 -25.04
C ALA A 138 4.47 34.38 -25.35
N ALA A 139 3.72 34.79 -24.33
CA ALA A 139 2.29 35.03 -24.46
C ALA A 139 1.88 36.13 -23.50
N GLU A 140 0.83 36.86 -23.86
CA GLU A 140 0.28 37.87 -22.97
C GLU A 140 -0.25 37.20 -21.71
N GLU A 141 -0.06 37.86 -20.57
CA GLU A 141 -0.51 37.35 -19.28
C GLU A 141 -1.95 37.78 -19.04
N ARG A 142 -2.79 36.81 -18.71
CA ARG A 142 -4.20 37.09 -18.43
C ARG A 142 -4.55 36.58 -17.03
N PRO A 143 -5.50 37.25 -16.36
CA PRO A 143 -5.85 36.79 -15.03
C PRO A 143 -6.66 35.51 -15.13
N VAL A 144 -6.48 34.60 -14.17
CA VAL A 144 -7.21 33.33 -14.18
C VAL A 144 -8.38 33.45 -13.22
N LYS A 145 -9.55 33.02 -13.70
CA LYS A 145 -10.76 33.06 -12.88
C LYS A 145 -10.65 31.99 -11.79
N ILE A 146 -10.84 32.41 -10.54
CA ILE A 146 -10.76 31.52 -9.39
C ILE A 146 -12.17 31.16 -8.92
N SER A 147 -12.44 29.87 -8.82
CA SER A 147 -13.74 29.40 -8.34
C SER A 147 -13.71 29.27 -6.81
N PRO A 148 -14.60 30.00 -6.11
CA PRO A 148 -14.59 29.98 -4.64
C PRO A 148 -15.10 28.67 -4.06
N GLN A 149 -14.41 28.17 -3.03
CA GLN A 149 -14.81 26.94 -2.34
C GLN A 149 -15.33 27.20 -0.92
N SER A 150 -15.48 28.48 -0.58
CA SER A 150 -16.01 28.88 0.72
C SER A 150 -17.11 29.93 0.54
N HIS A 151 -18.01 30.04 1.52
CA HIS A 151 -19.05 31.08 1.49
C HIS A 151 -18.60 32.29 2.30
N ILE A 152 -19.23 33.43 2.05
CA ILE A 152 -18.93 34.65 2.81
C ILE A 152 -19.29 34.47 4.28
N PRO A 153 -18.52 35.10 5.19
CA PRO A 153 -18.82 34.99 6.62
C PRO A 153 -20.12 35.71 6.99
N VAL A 154 -20.68 35.38 8.16
CA VAL A 154 -21.98 35.93 8.58
C VAL A 154 -21.97 37.46 8.63
N ASN A 155 -20.86 38.05 9.08
CA ASN A 155 -20.76 39.51 9.18
C ASN A 155 -20.86 40.21 7.82
N GLU A 156 -20.50 39.52 6.74
CA GLU A 156 -20.70 40.04 5.38
C GLU A 156 -22.09 39.70 4.85
N LEU A 157 -22.65 38.59 5.33
CA LEU A 157 -24.00 38.17 4.93
C LEU A 157 -25.07 39.12 5.47
N ILE A 158 -24.94 39.51 6.75
CA ILE A 158 -25.98 40.29 7.43
C ILE A 158 -26.35 41.58 6.68
N PRO A 159 -25.36 42.40 6.27
CA PRO A 159 -25.68 43.58 5.47
C PRO A 159 -26.47 43.27 4.19
N LYS A 160 -26.14 42.17 3.51
CA LYS A 160 -26.88 41.77 2.31
C LYS A 160 -28.32 41.41 2.65
N LEU A 161 -28.52 40.75 3.78
CA LEU A 161 -29.87 40.39 4.24
C LEU A 161 -30.68 41.64 4.59
N CYS A 162 -30.04 42.60 5.25
CA CYS A 162 -30.71 43.82 5.67
C CYS A 162 -31.15 44.69 4.48
N HIS A 163 -30.46 44.57 3.35
CA HIS A 163 -30.81 45.32 2.14
C HIS A 163 -31.87 44.61 1.29
N ALA A 164 -32.28 43.42 1.68
CA ALA A 164 -33.33 42.69 0.96
C ALA A 164 -34.71 43.32 1.19
N ASP A 165 -35.70 42.91 0.39
CA ASP A 165 -37.05 43.48 0.48
C ASP A 165 -37.98 42.73 1.41
N SER A 166 -37.68 41.47 1.68
CA SER A 166 -38.55 40.62 2.49
C SER A 166 -37.78 39.48 3.14
N ILE A 167 -38.43 38.80 4.07
CA ILE A 167 -37.84 37.64 4.73
C ILE A 167 -37.60 36.51 3.72
N SER A 168 -38.55 36.29 2.81
CA SER A 168 -38.38 35.27 1.77
CA SER A 168 -38.37 35.27 1.77
C SER A 168 -37.11 35.53 0.96
N SER A 169 -36.92 36.79 0.55
CA SER A 169 -35.73 37.17 -0.22
C SER A 169 -34.44 37.01 0.59
N GLN A 170 -34.49 37.35 1.88
CA GLN A 170 -33.35 37.13 2.76
C GLN A 170 -32.93 35.67 2.76
N MET A 171 -33.90 34.78 2.85
CA MET A 171 -33.63 33.35 2.94
CA MET A 171 -33.63 33.35 2.94
C MET A 171 -33.07 32.80 1.63
N TYR A 172 -33.55 33.31 0.49
CA TYR A 172 -33.00 32.89 -0.80
C TYR A 172 -31.59 33.46 -1.04
N ILE A 173 -31.31 34.66 -0.53
CA ILE A 173 -29.96 35.22 -0.57
C ILE A 173 -28.98 34.32 0.19
N LEU A 174 -29.36 33.94 1.41
CA LEU A 174 -28.54 33.05 2.22
C LEU A 174 -28.29 31.73 1.48
N LEU A 175 -29.36 31.13 0.95
CA LEU A 175 -29.25 29.86 0.22
C LEU A 175 -28.28 29.97 -0.94
N ASN A 176 -28.40 31.04 -1.73
CA ASN A 176 -27.52 31.25 -2.88
C ASN A 176 -26.06 31.50 -2.51
N GLU A 177 -25.82 32.21 -1.41
CA GLU A 177 -24.46 32.44 -0.92
C GLU A 177 -23.81 31.16 -0.36
N TYR A 178 -24.63 30.29 0.23
CA TYR A 178 -24.12 29.14 1.00
C TYR A 178 -24.04 27.83 0.25
N GLN A 179 -24.94 27.60 -0.71
CA GLN A 179 -25.07 26.29 -1.33
C GLN A 179 -23.84 25.86 -2.14
N LEU A 180 -23.65 24.55 -2.28
CA LEU A 180 -22.53 24.00 -3.04
C LEU A 180 -22.64 24.45 -4.49
N THR A 181 -21.50 24.79 -5.08
CA THR A 181 -21.41 25.12 -6.50
C THR A 181 -21.08 23.87 -7.28
N GLU A 182 -21.28 23.94 -8.60
CA GLU A 182 -20.97 22.83 -9.49
C GLU A 182 -19.48 22.45 -9.38
N GLU A 183 -18.63 23.47 -9.30
CA GLU A 183 -17.19 23.27 -9.19
C GLU A 183 -16.85 22.57 -7.87
N ASN A 184 -17.46 23.03 -6.78
CA ASN A 184 -17.23 22.44 -5.47
C ASN A 184 -17.65 20.97 -5.41
N ILE A 185 -18.79 20.67 -6.03
CA ILE A 185 -19.31 19.30 -6.09
C ILE A 185 -18.33 18.40 -6.85
N LYS A 186 -17.88 18.86 -8.01
CA LYS A 186 -16.86 18.12 -8.77
C LYS A 186 -15.62 17.86 -7.93
N LEU A 187 -15.20 18.85 -7.17
CA LEU A 187 -14.01 18.73 -6.33
C LEU A 187 -14.24 17.68 -5.22
N ARG A 188 -15.46 17.65 -4.66
CA ARG A 188 -15.80 16.67 -3.62
C ARG A 188 -15.76 15.23 -4.15
N TYR A 189 -16.35 15.01 -5.31
CA TYR A 189 -16.34 13.68 -5.91
C TYR A 189 -14.93 13.23 -6.32
N LEU A 190 -14.11 14.17 -6.80
CA LEU A 190 -12.72 13.85 -7.13
C LEU A 190 -11.94 13.46 -5.89
N ALA A 191 -12.15 14.16 -4.78
CA ALA A 191 -11.54 13.79 -3.51
C ALA A 191 -11.88 12.34 -3.14
N CYS A 192 -13.15 11.97 -3.29
CA CYS A 192 -13.58 10.59 -3.05
C CYS A 192 -12.89 9.61 -3.99
N SER A 193 -12.81 9.99 -5.26
CA SER A 193 -12.19 9.16 -6.31
C SER A 193 -10.71 8.90 -6.01
N LEU A 194 -10.03 9.93 -5.53
CA LEU A 194 -8.62 9.81 -5.16
C LEU A 194 -8.42 8.87 -3.96
N VAL A 195 -9.29 8.99 -2.96
CA VAL A 195 -9.24 8.10 -1.81
C VAL A 195 -9.54 6.65 -2.24
N ARG A 196 -10.49 6.48 -3.15
CA ARG A 196 -10.82 5.17 -3.73
C ARG A 196 -9.61 4.44 -4.33
N ASP A 197 -8.80 5.19 -5.07
CA ASP A 197 -7.61 4.62 -5.69
C ASP A 197 -6.63 4.02 -4.68
N PHE A 198 -6.51 4.62 -3.50
CA PHE A 198 -5.72 4.03 -2.41
C PHE A 198 -6.26 2.66 -2.01
N ALA A 199 -7.57 2.58 -1.81
CA ALA A 199 -8.22 1.32 -1.40
C ALA A 199 -8.13 0.24 -2.48
N ARG A 200 -8.12 0.67 -3.74
CA ARG A 200 -8.17 -0.29 -4.86
C ARG A 200 -6.89 -1.08 -5.09
N ALA A 201 -5.78 -0.64 -4.50
CA ALA A 201 -4.54 -1.37 -4.66
C ALA A 201 -4.71 -2.85 -4.35
N TYR A 202 -5.43 -3.18 -3.26
CA TYR A 202 -5.66 -4.57 -2.87
C TYR A 202 -7.15 -4.98 -2.81
N PHE A 203 -8.05 -4.00 -2.97
CA PHE A 203 -9.47 -4.28 -3.12
C PHE A 203 -9.96 -3.63 -4.41
N PRO A 204 -9.67 -4.26 -5.57
CA PRO A 204 -9.88 -3.63 -6.88
C PRO A 204 -11.29 -3.16 -7.19
N ASP A 205 -12.31 -3.78 -6.59
CA ASP A 205 -13.70 -3.39 -6.82
C ASP A 205 -14.19 -2.32 -5.82
N SER A 206 -13.27 -1.75 -5.04
CA SER A 206 -13.61 -0.76 -4.03
C SER A 206 -14.23 0.48 -4.59
N THR A 207 -15.09 1.09 -3.78
CA THR A 207 -15.66 2.37 -4.12
C THR A 207 -15.64 3.27 -2.90
N VAL A 208 -15.48 4.56 -3.15
CA VAL A 208 -15.59 5.56 -2.11
C VAL A 208 -16.59 6.58 -2.62
N LYS A 209 -17.70 6.72 -1.92
CA LYS A 209 -18.78 7.58 -2.35
C LYS A 209 -19.15 8.54 -1.25
N PRO A 210 -19.42 9.80 -1.61
CA PRO A 210 -19.83 10.76 -0.61
C PRO A 210 -21.26 10.53 -0.15
N PHE A 211 -21.55 10.90 1.08
CA PHE A 211 -22.92 10.90 1.59
C PHE A 211 -23.13 12.13 2.45
N GLY A 212 -24.33 12.27 3.00
CA GLY A 212 -24.61 13.39 3.88
C GLY A 212 -24.69 14.70 3.11
N SER A 213 -24.21 15.77 3.75
CA SER A 213 -24.34 17.13 3.23
C SER A 213 -23.73 17.34 1.84
N SER A 214 -22.71 16.56 1.49
CA SER A 214 -22.09 16.65 0.18
C SER A 214 -23.02 16.28 -0.98
N VAL A 215 -24.08 15.51 -0.71
CA VAL A 215 -24.95 14.96 -1.75
C VAL A 215 -26.46 15.12 -1.54
N ASN A 216 -26.87 15.51 -0.35
CA ASN A 216 -28.30 15.52 0.00
C ASN A 216 -29.04 16.84 -0.31
N THR A 217 -28.35 17.76 -0.98
CA THR A 217 -28.85 19.10 -1.37
C THR A 217 -28.79 20.14 -0.25
N PHE A 218 -28.41 19.74 0.96
CA PHE A 218 -28.39 20.66 2.09
C PHE A 218 -26.99 21.09 2.53
N GLY A 219 -25.98 20.67 1.79
CA GLY A 219 -24.60 21.04 2.13
C GLY A 219 -24.28 22.47 1.79
N LYS A 220 -23.52 23.13 2.67
CA LYS A 220 -23.02 24.46 2.39
C LYS A 220 -21.51 24.42 2.14
N LEU A 221 -21.02 25.40 1.38
CA LEU A 221 -19.60 25.48 1.09
C LEU A 221 -18.81 25.46 2.39
N GLY A 222 -17.73 24.68 2.42
CA GLY A 222 -16.91 24.54 3.60
C GLY A 222 -17.25 23.33 4.47
N CYS A 223 -18.36 22.65 4.20
CA CYS A 223 -18.75 21.50 5.00
C CYS A 223 -17.83 20.32 4.71
N ASP A 224 -17.72 19.42 5.68
CA ASP A 224 -16.89 18.22 5.55
C ASP A 224 -17.33 17.37 4.36
N VAL A 225 -16.39 16.59 3.82
CA VAL A 225 -16.73 15.56 2.86
C VAL A 225 -16.82 14.24 3.61
N ASP A 226 -18.05 13.76 3.82
CA ASP A 226 -18.27 12.48 4.47
C ASP A 226 -18.23 11.40 3.40
N MET A 227 -17.33 10.43 3.58
CA MET A 227 -17.05 9.40 2.57
C MET A 227 -17.31 8.02 3.13
N PHE A 228 -17.94 7.17 2.32
CA PHE A 228 -18.14 5.77 2.65
C PHE A 228 -17.31 4.86 1.75
N LEU A 229 -16.57 3.95 2.37
CA LEU A 229 -15.83 2.92 1.65
C LEU A 229 -16.66 1.64 1.59
N ASP A 230 -16.78 1.07 0.40
CA ASP A 230 -17.33 -0.28 0.24
C ASP A 230 -16.24 -1.03 -0.50
N PHE A 231 -15.70 -2.07 0.13
CA PHE A 231 -14.40 -2.63 -0.28
C PHE A 231 -14.36 -4.15 -0.52
N HIS A 232 -15.31 -4.90 0.02
CA HIS A 232 -15.34 -6.36 -0.19
C HIS A 232 -16.76 -6.88 -0.32
N ASP A 233 -16.89 -8.09 -0.85
CA ASP A 233 -18.17 -8.69 -1.21
C ASP A 233 -19.03 -7.70 -2.02
N ILE A 234 -18.59 -7.45 -3.26
CA ILE A 234 -19.25 -6.51 -4.16
C ILE A 234 -19.73 -7.25 -5.41
N MET A 241 -16.71 -17.95 -17.32
CA MET A 241 -15.39 -18.53 -17.60
C MET A 241 -15.53 -19.99 -18.04
N LYS A 242 -14.57 -20.43 -18.86
CA LYS A 242 -14.54 -21.81 -19.37
C LYS A 242 -14.29 -22.81 -18.23
N LYS A 243 -15.02 -23.93 -18.26
CA LYS A 243 -14.95 -24.96 -17.23
C LYS A 243 -14.04 -26.13 -17.65
N GLY A 244 -12.88 -26.23 -17.01
CA GLY A 244 -11.96 -27.34 -17.22
C GLY A 244 -12.23 -28.49 -16.26
N PRO A 245 -11.35 -29.52 -16.27
CA PRO A 245 -11.46 -30.66 -15.34
C PRO A 245 -10.98 -30.36 -13.91
N PHE A 246 -10.42 -29.17 -13.68
CA PHE A 246 -10.03 -28.74 -12.34
C PHE A 246 -10.85 -27.52 -12.00
N GLU A 247 -11.23 -27.41 -10.73
CA GLU A 247 -11.71 -26.14 -10.20
C GLU A 247 -10.49 -25.32 -9.85
N MET A 248 -10.49 -24.06 -10.27
CA MET A 248 -9.29 -23.23 -10.22
C MET A 248 -9.61 -21.91 -9.54
N GLU A 249 -8.91 -21.64 -8.44
CA GLU A 249 -9.12 -20.43 -7.66
C GLU A 249 -7.78 -19.79 -7.33
N TYR A 250 -7.79 -18.47 -7.12
CA TYR A 250 -6.63 -17.76 -6.62
C TYR A 250 -6.45 -18.09 -5.14
N GLN A 251 -5.20 -18.08 -4.68
CA GLN A 251 -4.93 -18.09 -3.25
CA GLN A 251 -4.89 -18.09 -3.25
C GLN A 251 -5.00 -16.68 -2.72
N MET A 252 -5.94 -16.43 -1.81
CA MET A 252 -6.17 -15.09 -1.29
C MET A 252 -6.27 -15.13 0.23
N LYS A 253 -5.73 -14.11 0.88
CA LYS A 253 -5.73 -14.04 2.32
C LYS A 253 -7.14 -13.73 2.85
N ARG A 254 -7.59 -14.53 3.81
CA ARG A 254 -8.86 -14.32 4.50
C ARG A 254 -8.88 -13.00 5.26
N LEU A 255 -10.04 -12.33 5.24
CA LEU A 255 -10.27 -11.18 6.13
C LEU A 255 -10.75 -11.67 7.48
N PRO A 256 -10.50 -10.88 8.55
CA PRO A 256 -11.12 -11.13 9.86
C PRO A 256 -12.59 -10.69 9.87
N SER A 257 -13.22 -10.76 11.04
CA SER A 257 -14.59 -10.25 11.26
C SER A 257 -14.75 -8.84 10.68
N GLU A 258 -15.99 -8.47 10.35
CA GLU A 258 -16.27 -7.21 9.65
C GLU A 258 -15.64 -5.97 10.31
N ARG A 259 -15.80 -5.83 11.62
CA ARG A 259 -15.24 -4.68 12.35
C ARG A 259 -13.72 -4.65 12.27
N LEU A 260 -13.07 -5.80 12.49
CA LEU A 260 -11.62 -5.87 12.43
C LEU A 260 -11.09 -5.59 11.02
N ALA A 261 -11.77 -6.12 10.01
CA ALA A 261 -11.42 -5.84 8.61
C ALA A 261 -11.51 -4.34 8.32
N THR A 262 -12.62 -3.74 8.76
CA THR A 262 -12.87 -2.31 8.62
C THR A 262 -11.73 -1.50 9.25
N GLN A 263 -11.34 -1.87 10.46
CA GLN A 263 -10.29 -1.17 11.18
C GLN A 263 -8.93 -1.24 10.47
N LYS A 264 -8.61 -2.41 9.94
CA LYS A 264 -7.34 -2.61 9.22
C LYS A 264 -7.30 -1.85 7.90
N ILE A 265 -8.39 -1.92 7.14
CA ILE A 265 -8.46 -1.20 5.87
C ILE A 265 -8.41 0.32 6.06
N LEU A 266 -9.16 0.85 7.03
CA LEU A 266 -9.15 2.29 7.31
C LEU A 266 -7.78 2.74 7.82
N SER A 267 -7.11 1.89 8.59
CA SER A 267 -5.79 2.21 9.11
C SER A 267 -4.78 2.38 7.97
N ILE A 268 -4.80 1.48 7.01
CA ILE A 268 -3.89 1.52 5.86
C ILE A 268 -4.16 2.72 4.96
N ILE A 269 -5.43 2.99 4.67
CA ILE A 269 -5.80 4.17 3.89
C ILE A 269 -5.35 5.44 4.62
N GLY A 270 -5.55 5.47 5.93
CA GLY A 270 -5.07 6.58 6.75
C GLY A 270 -3.55 6.78 6.57
N ASP A 271 -2.80 5.68 6.62
CA ASP A 271 -1.36 5.69 6.33
C ASP A 271 -1.02 6.16 4.91
N CYS A 272 -1.83 5.75 3.93
CA CYS A 272 -1.63 6.19 2.54
C CYS A 272 -1.80 7.69 2.41
N LEU A 273 -2.85 8.21 3.03
CA LEU A 273 -3.14 9.63 2.97
C LEU A 273 -1.98 10.42 3.59
N ASP A 274 -1.42 9.88 4.67
CA ASP A 274 -0.21 10.42 5.32
C ASP A 274 1.01 10.47 4.39
N ASN A 275 1.29 9.34 3.74
CA ASN A 275 2.57 9.11 3.04
C ASN A 275 2.54 9.24 1.51
N PHE A 276 1.37 9.10 0.90
CA PHE A 276 1.27 9.21 -0.56
C PHE A 276 0.76 10.59 -0.95
N GLY A 277 1.43 11.23 -1.91
CA GLY A 277 1.06 12.59 -2.32
C GLY A 277 1.83 13.67 -1.57
N PRO A 278 1.33 14.93 -1.62
CA PRO A 278 2.01 16.02 -0.94
C PRO A 278 1.90 15.92 0.59
N GLY A 279 0.86 15.25 1.06
CA GLY A 279 0.67 15.00 2.48
C GLY A 279 0.34 16.36 3.05
N TYR A 280 0.81 16.58 4.28
CA TYR A 280 0.31 17.46 5.35
C TYR A 280 -1.15 17.35 5.80
N SER A 281 -1.50 16.12 6.19
CA SER A 281 -2.83 15.56 6.20
C SER A 281 -3.64 15.64 7.50
N SER A 282 -3.01 15.80 8.66
CA SER A 282 -3.71 15.80 9.96
C SER A 282 -4.61 14.58 10.09
N VAL A 283 -4.06 13.41 9.80
CA VAL A 283 -4.83 12.18 9.84
C VAL A 283 -5.11 11.77 11.28
N GLN A 284 -6.40 11.75 11.65
CA GLN A 284 -6.82 11.27 12.95
CA GLN A 284 -6.82 11.27 12.95
C GLN A 284 -7.52 9.93 12.75
N LYS A 285 -6.91 8.88 13.27
CA LYS A 285 -7.52 7.56 13.22
C LYS A 285 -8.39 7.40 14.46
N ILE A 286 -9.69 7.22 14.25
CA ILE A 286 -10.65 7.03 15.33
C ILE A 286 -11.28 5.66 15.10
N LEU A 287 -10.44 4.63 15.14
CA LEU A 287 -10.81 3.29 14.70
C LEU A 287 -11.60 2.51 15.75
N ASN A 288 -11.56 2.96 17.00
CA ASN A 288 -12.26 2.28 18.09
C ASN A 288 -13.64 2.85 18.41
N ALA A 289 -14.09 3.83 17.62
CA ALA A 289 -15.45 4.36 17.75
C ALA A 289 -16.48 3.32 17.34
N ARG A 290 -17.74 3.52 17.73
CA ARG A 290 -18.83 2.62 17.36
C ARG A 290 -18.80 2.35 15.85
N CYS A 291 -18.66 3.43 15.09
CA CYS A 291 -18.42 3.36 13.65
CA CYS A 291 -18.42 3.35 13.65
C CYS A 291 -16.99 3.83 13.38
N PRO A 292 -16.06 2.87 13.17
CA PRO A 292 -14.66 3.27 12.94
C PRO A 292 -14.52 4.36 11.88
N LEU A 293 -13.63 5.31 12.12
CA LEU A 293 -13.55 6.54 11.33
C LEU A 293 -12.11 7.01 11.19
N VAL A 294 -11.80 7.59 10.02
CA VAL A 294 -10.55 8.32 9.83
C VAL A 294 -10.93 9.72 9.42
N LYS A 295 -10.43 10.70 10.16
CA LYS A 295 -10.57 12.10 9.80
C LYS A 295 -9.26 12.59 9.19
N PHE A 296 -9.38 13.46 8.20
CA PHE A 296 -8.17 14.01 7.59
C PHE A 296 -8.49 15.27 6.81
N SER A 297 -7.44 16.08 6.64
CA SER A 297 -7.47 17.24 5.80
C SER A 297 -6.82 16.83 4.48
N HIS A 298 -7.57 16.93 3.39
CA HIS A 298 -7.04 16.60 2.08
C HIS A 298 -6.48 17.89 1.49
N GLN A 299 -5.15 18.02 1.50
CA GLN A 299 -4.49 19.28 1.15
C GLN A 299 -4.70 19.72 -0.31
N PRO A 300 -4.64 18.77 -1.26
CA PRO A 300 -4.83 19.17 -2.66
C PRO A 300 -6.17 19.87 -2.93
N THR A 301 -7.23 19.43 -2.27
CA THR A 301 -8.55 20.05 -2.40
C THR A 301 -8.86 21.04 -1.29
N GLY A 302 -8.19 20.89 -0.14
CA GLY A 302 -8.44 21.73 1.02
C GLY A 302 -9.64 21.30 1.85
N PHE A 303 -10.21 20.13 1.56
CA PHE A 303 -11.39 19.64 2.27
C PHE A 303 -11.03 18.95 3.58
N GLN A 304 -11.90 19.12 4.57
CA GLN A 304 -11.88 18.29 5.78
C GLN A 304 -12.75 17.07 5.48
N CYS A 305 -12.20 15.87 5.69
CA CYS A 305 -12.86 14.63 5.28
C CYS A 305 -13.03 13.65 6.44
N ASP A 306 -14.07 12.82 6.33
CA ASP A 306 -14.32 11.71 7.25
C ASP A 306 -14.59 10.45 6.46
N LEU A 307 -13.76 9.42 6.68
CA LEU A 307 -13.86 8.16 5.95
C LEU A 307 -14.29 7.05 6.89
N SER A 308 -15.38 6.36 6.53
CA SER A 308 -15.83 5.18 7.25
C SER A 308 -16.34 4.13 6.26
N VAL A 309 -16.66 2.93 6.75
CA VAL A 309 -17.17 1.88 5.89
C VAL A 309 -18.68 2.05 5.69
N SER A 310 -19.13 1.75 4.47
CA SER A 310 -20.49 2.00 4.02
C SER A 310 -21.55 1.57 5.03
N ASN A 311 -22.47 2.48 5.31
CA ASN A 311 -23.63 2.19 6.15
C ASN A 311 -24.89 2.35 5.30
N SER A 312 -25.58 1.24 5.04
CA SER A 312 -26.72 1.22 4.12
C SER A 312 -27.86 2.14 4.57
N ILE A 313 -28.03 2.26 5.88
CA ILE A 313 -29.07 3.12 6.45
C ILE A 313 -28.75 4.60 6.22
N ALA A 314 -27.49 4.98 6.46
CA ALA A 314 -27.05 6.37 6.22
C ALA A 314 -27.22 6.78 4.75
N ILE A 315 -27.05 5.82 3.84
CA ILE A 315 -27.22 6.09 2.42
C ILE A 315 -28.69 6.31 2.05
N ARG A 316 -29.59 5.51 2.65
CA ARG A 316 -31.02 5.71 2.45
C ARG A 316 -31.44 7.09 2.97
N CYS A 317 -30.86 7.48 4.12
CA CYS A 317 -31.14 8.79 4.71
C CYS A 317 -30.75 9.94 3.78
N SER A 318 -29.58 9.83 3.17
CA SER A 318 -29.11 10.84 2.22
C SER A 318 -30.03 10.96 0.99
N GLU A 319 -30.50 9.82 0.46
CA GLU A 319 -31.42 9.84 -0.68
C GLU A 319 -32.78 10.41 -0.31
N LEU A 320 -33.24 10.11 0.89
CA LEU A 320 -34.51 10.64 1.39
C LEU A 320 -34.46 12.17 1.47
N LEU A 321 -33.37 12.68 2.04
CA LEU A 321 -33.17 14.14 2.11
C LEU A 321 -33.04 14.78 0.75
N TYR A 322 -32.35 14.10 -0.17
CA TYR A 322 -32.25 14.56 -1.55
C TYR A 322 -33.62 14.73 -2.20
N ILE A 323 -34.49 13.74 -2.01
CA ILE A 323 -35.86 13.81 -2.53
C ILE A 323 -36.56 15.05 -1.97
N TYR A 324 -36.53 15.20 -0.65
CA TYR A 324 -37.19 16.33 0.00
C TYR A 324 -36.66 17.68 -0.47
N GLY A 325 -35.34 17.79 -0.57
CA GLY A 325 -34.70 19.00 -1.07
C GLY A 325 -35.08 19.35 -2.50
N CYS A 326 -35.22 18.32 -3.33
CA CYS A 326 -35.56 18.52 -4.74
C CYS A 326 -37.04 18.83 -4.99
N LEU A 327 -37.90 18.46 -4.04
CA LEU A 327 -39.35 18.60 -4.23
C LEU A 327 -39.85 20.05 -4.29
N ASP A 328 -39.26 20.93 -3.48
CA ASP A 328 -39.73 22.31 -3.36
C ASP A 328 -38.61 23.20 -2.85
N PRO A 329 -38.38 24.37 -3.51
CA PRO A 329 -37.25 25.24 -3.10
C PRO A 329 -37.37 25.80 -1.68
N ARG A 330 -38.58 25.87 -1.14
CA ARG A 330 -38.78 26.31 0.24
C ARG A 330 -38.13 25.36 1.25
N VAL A 331 -38.05 24.07 0.90
CA VAL A 331 -37.42 23.07 1.78
C VAL A 331 -35.96 23.45 2.02
N ARG A 332 -35.20 23.64 0.95
CA ARG A 332 -33.79 24.03 1.07
C ARG A 332 -33.63 25.41 1.70
N ALA A 333 -34.42 26.38 1.27
CA ALA A 333 -34.36 27.72 1.88
C ALA A 333 -34.53 27.68 3.40
N LEU A 334 -35.52 26.92 3.88
CA LEU A 334 -35.74 26.78 5.32
C LEU A 334 -34.58 26.11 6.04
N VAL A 335 -34.10 25.00 5.49
CA VAL A 335 -33.02 24.25 6.12
C VAL A 335 -31.73 25.08 6.24
N PHE A 336 -31.32 25.74 5.17
CA PHE A 336 -30.09 26.54 5.19
C PHE A 336 -30.18 27.66 6.23
N SER A 337 -31.29 28.37 6.24
CA SER A 337 -31.48 29.47 7.21
C SER A 337 -31.49 28.97 8.66
N LEU A 338 -32.18 27.86 8.90
CA LEU A 338 -32.29 27.31 10.27
C LEU A 338 -31.00 26.66 10.77
N ARG A 339 -30.21 26.07 9.88
CA ARG A 339 -28.89 25.56 10.25
C ARG A 339 -27.96 26.71 10.63
N CYS A 340 -28.04 27.81 9.90
CA CYS A 340 -27.24 29.00 10.19
C CYS A 340 -27.66 29.57 11.54
N TRP A 341 -28.97 29.68 11.73
CA TRP A 341 -29.56 30.09 13.01
C TRP A 341 -29.03 29.26 14.17
N ALA A 342 -29.06 27.93 14.01
CA ALA A 342 -28.60 27.02 15.07
C ALA A 342 -27.13 27.22 15.42
N ARG A 343 -26.30 27.41 14.40
CA ARG A 343 -24.87 27.65 14.62
C ARG A 343 -24.61 28.97 15.32
N VAL A 344 -25.25 30.04 14.85
CA VAL A 344 -25.10 31.38 15.42
C VAL A 344 -25.42 31.40 16.91
N HIS A 345 -26.45 30.66 17.31
CA HIS A 345 -26.89 30.65 18.70
C HIS A 345 -26.27 29.52 19.53
N GLY A 346 -25.25 28.86 18.99
CA GLY A 346 -24.51 27.82 19.72
C GLY A 346 -25.26 26.53 19.95
N LEU A 347 -26.30 26.27 19.17
CA LEU A 347 -27.11 25.06 19.33
C LEU A 347 -26.46 23.86 18.64
N THR A 348 -25.75 24.11 17.54
CA THR A 348 -24.95 23.07 16.89
C THR A 348 -23.47 23.35 17.13
N ASN A 349 -22.65 22.33 16.91
CA ASN A 349 -21.21 22.43 17.12
C ASN A 349 -20.47 21.50 16.16
N SER A 350 -19.22 21.84 15.85
CA SER A 350 -18.39 21.04 14.95
C SER A 350 -18.03 19.67 15.52
N VAL A 351 -17.90 19.58 16.85
CA VAL A 351 -17.54 18.31 17.50
C VAL A 351 -18.78 17.63 18.12
N PRO A 352 -18.86 16.28 18.03
CA PRO A 352 -19.97 15.55 18.64
C PRO A 352 -20.08 15.75 20.14
N GLY A 353 -21.30 15.68 20.66
CA GLY A 353 -21.54 15.89 22.09
C GLY A 353 -23.02 15.85 22.43
N THR A 354 -23.43 16.73 23.34
CA THR A 354 -24.83 16.82 23.77
C THR A 354 -25.66 17.75 22.88
N TRP A 355 -25.00 18.42 21.93
CA TRP A 355 -25.66 19.35 21.02
C TRP A 355 -26.56 18.59 20.04
N ILE A 356 -27.66 19.24 19.64
CA ILE A 356 -28.46 18.73 18.53
C ILE A 356 -27.56 18.78 17.30
N THR A 357 -27.61 17.73 16.49
CA THR A 357 -26.80 17.67 15.27
C THR A 357 -27.55 18.33 14.12
N ASN A 358 -26.82 18.71 13.08
CA ASN A 358 -27.45 19.24 11.87
C ASN A 358 -28.42 18.23 11.25
N PHE A 359 -28.08 16.95 11.32
CA PHE A 359 -28.96 15.91 10.82
C PHE A 359 -30.28 15.86 11.60
N SER A 360 -30.19 15.84 12.93
CA SER A 360 -31.38 15.85 13.78
C SER A 360 -32.24 17.08 13.52
N LEU A 361 -31.59 18.24 13.46
CA LEU A 361 -32.29 19.51 13.17
C LEU A 361 -33.00 19.44 11.83
N THR A 362 -32.30 18.92 10.82
CA THR A 362 -32.86 18.80 9.48
C THR A 362 -34.11 17.92 9.50
N MET A 363 -34.05 16.83 10.26
CA MET A 363 -35.20 15.91 10.37
CA MET A 363 -35.20 15.91 10.37
C MET A 363 -36.37 16.59 11.10
N MET A 364 -36.07 17.43 12.09
CA MET A 364 -37.11 18.22 12.75
C MET A 364 -37.78 19.15 11.75
N ILE A 365 -36.99 19.77 10.88
CA ILE A 365 -37.53 20.66 9.84
C ILE A 365 -38.42 19.86 8.87
N MET A 366 -37.96 18.68 8.47
CA MET A 366 -38.76 17.83 7.58
C MET A 366 -40.09 17.46 8.22
N PHE A 367 -40.04 17.09 9.50
CA PHE A 367 -41.26 16.78 10.26
C PHE A 367 -42.21 17.97 10.27
N PHE A 368 -41.67 19.16 10.57
CA PHE A 368 -42.44 20.41 10.51
C PHE A 368 -43.13 20.59 9.16
N LEU A 369 -42.40 20.35 8.07
CA LEU A 369 -42.94 20.51 6.71
C LEU A 369 -43.99 19.44 6.37
N GLN A 370 -43.83 18.24 6.93
CA GLN A 370 -44.85 17.18 6.79
C GLN A 370 -46.17 17.56 7.46
N LYS A 371 -46.11 18.42 8.49
CA LYS A 371 -47.27 18.75 9.31
C LYS A 371 -48.01 20.02 8.89
N ARG A 372 -47.60 20.64 7.78
CA ARG A 372 -48.30 21.80 7.24
C ARG A 372 -49.67 21.39 6.70
N SER A 373 -50.56 22.37 6.53
CA SER A 373 -51.91 22.14 6.02
C SER A 373 -52.13 22.91 4.72
N PRO A 374 -51.99 22.24 3.56
CA PRO A 374 -51.60 20.84 3.35
C PRO A 374 -50.08 20.67 3.46
N PRO A 375 -49.61 19.41 3.62
CA PRO A 375 -48.18 19.17 3.77
C PRO A 375 -47.34 19.68 2.58
N ILE A 376 -46.17 20.23 2.89
CA ILE A 376 -45.25 20.68 1.85
C ILE A 376 -44.48 19.49 1.27
N ILE A 377 -44.25 18.46 2.08
CA ILE A 377 -43.61 17.22 1.61
C ILE A 377 -44.37 16.01 2.12
N PRO A 378 -44.32 14.88 1.38
CA PRO A 378 -44.99 13.67 1.84
C PRO A 378 -44.27 12.97 2.98
N THR A 379 -45.00 12.12 3.70
CA THR A 379 -44.42 11.30 4.76
C THR A 379 -43.61 10.18 4.12
N LEU A 380 -42.76 9.53 4.90
CA LEU A 380 -41.96 8.43 4.37
C LEU A 380 -42.82 7.21 4.01
N ASP A 381 -43.89 6.97 4.76
CA ASP A 381 -44.83 5.90 4.42
C ASP A 381 -45.53 6.16 3.08
N GLN A 382 -45.82 7.43 2.79
CA GLN A 382 -46.37 7.79 1.48
C GLN A 382 -45.37 7.53 0.36
N LEU A 383 -44.10 7.86 0.59
CA LEU A 383 -43.04 7.58 -0.38
C LEU A 383 -42.81 6.07 -0.55
N LYS A 384 -42.97 5.32 0.55
CA LYS A 384 -42.87 3.86 0.50
C LYS A 384 -43.96 3.26 -0.40
N GLU A 385 -45.19 3.75 -0.24
CA GLU A 385 -46.33 3.23 -1.00
C GLU A 385 -46.25 3.54 -2.50
N LEU A 386 -45.55 4.61 -2.85
CA LEU A 386 -45.32 4.97 -4.25
C LEU A 386 -44.20 4.16 -4.91
N ALA A 387 -43.47 3.38 -4.11
CA ALA A 387 -42.33 2.61 -4.61
C ALA A 387 -42.77 1.34 -5.34
N ASP A 388 -42.16 1.09 -6.50
CA ASP A 388 -42.37 -0.15 -7.24
C ASP A 388 -41.33 -1.19 -6.80
N GLU A 389 -41.39 -2.39 -7.38
CA GLU A 389 -40.45 -3.46 -7.05
C GLU A 389 -38.98 -3.06 -7.23
N LYS A 390 -38.70 -2.25 -8.25
CA LYS A 390 -37.33 -1.79 -8.52
C LYS A 390 -36.76 -0.93 -7.39
N ASP A 391 -37.64 -0.26 -6.65
CA ASP A 391 -37.24 0.58 -5.52
C ASP A 391 -37.28 -0.16 -4.18
N LYS A 392 -37.30 -1.50 -4.21
CA LYS A 392 -37.32 -2.29 -2.99
C LYS A 392 -35.94 -2.28 -2.32
N HIS A 393 -35.91 -1.92 -1.04
CA HIS A 393 -34.68 -1.91 -0.25
C HIS A 393 -34.99 -2.35 1.18
N VAL A 394 -34.66 -3.59 1.51
CA VAL A 394 -34.87 -4.14 2.85
C VAL A 394 -33.53 -4.23 3.56
N ILE A 395 -33.43 -3.61 4.73
CA ILE A 395 -32.20 -3.60 5.52
C ILE A 395 -32.49 -4.11 6.93
N GLY A 396 -31.79 -5.17 7.34
CA GLY A 396 -31.98 -5.78 8.65
C GLY A 396 -33.40 -6.23 8.91
N GLY A 397 -34.09 -6.67 7.85
CA GLY A 397 -35.49 -7.10 7.94
C GLY A 397 -36.52 -5.99 7.84
N TYR A 398 -36.06 -4.73 7.90
CA TYR A 398 -36.96 -3.58 7.89
C TYR A 398 -37.04 -2.98 6.49
N ASP A 399 -38.27 -2.80 6.00
CA ASP A 399 -38.50 -2.27 4.67
C ASP A 399 -38.12 -0.78 4.61
N CYS A 400 -37.02 -0.48 3.93
CA CYS A 400 -36.54 0.90 3.76
C CYS A 400 -36.78 1.40 2.34
N SER A 401 -37.82 0.88 1.70
CA SER A 401 -38.14 1.23 0.33
C SER A 401 -38.83 2.59 0.25
N PHE A 402 -38.51 3.34 -0.79
CA PHE A 402 -39.28 4.52 -1.16
C PHE A 402 -39.03 4.87 -2.61
N VAL A 403 -39.98 5.61 -3.19
CA VAL A 403 -39.93 5.98 -4.61
C VAL A 403 -38.68 6.80 -4.92
N SER A 404 -38.00 6.46 -6.02
CA SER A 404 -36.80 7.15 -6.46
C SER A 404 -37.10 8.17 -7.57
N ASP A 405 -38.18 7.94 -8.31
CA ASP A 405 -38.60 8.82 -9.40
C ASP A 405 -39.44 9.97 -8.85
N LEU A 406 -38.90 11.19 -8.92
CA LEU A 406 -39.54 12.37 -8.36
C LEU A 406 -40.85 12.76 -9.06
N SER A 407 -40.97 12.41 -10.33
CA SER A 407 -42.17 12.73 -11.11
C SER A 407 -43.40 11.95 -10.63
N LYS A 408 -43.17 10.86 -9.91
CA LYS A 408 -44.26 10.06 -9.34
C LYS A 408 -44.88 10.69 -8.09
N ILE A 409 -44.23 11.71 -7.53
CA ILE A 409 -44.74 12.42 -6.35
C ILE A 409 -45.58 13.61 -6.80
N LYS A 410 -46.84 13.64 -6.37
CA LYS A 410 -47.76 14.73 -6.71
C LYS A 410 -47.29 16.02 -6.05
N PRO A 411 -47.10 17.10 -6.85
CA PRO A 411 -46.66 18.38 -6.30
C PRO A 411 -47.58 18.92 -5.20
N THR A 412 -46.99 19.56 -4.19
CA THR A 412 -47.75 20.13 -3.08
C THR A 412 -48.66 21.27 -3.53
N LYS A 413 -49.82 21.38 -2.89
CA LYS A 413 -50.74 22.50 -3.10
C LYS A 413 -50.52 23.60 -2.07
N ASN A 414 -49.60 23.39 -1.13
CA ASN A 414 -49.25 24.40 -0.14
C ASN A 414 -48.55 25.59 -0.80
N THR A 415 -49.06 26.79 -0.54
CA THR A 415 -48.52 28.03 -1.10
C THR A 415 -48.07 29.01 -0.01
N GLU A 416 -47.83 28.51 1.20
CA GLU A 416 -47.36 29.36 2.30
C GLU A 416 -46.02 29.99 1.93
N THR A 417 -45.83 31.25 2.30
CA THR A 417 -44.59 31.96 2.02
C THR A 417 -43.55 31.58 3.07
N LEU A 418 -42.28 31.80 2.74
CA LEU A 418 -41.20 31.53 3.68
C LEU A 418 -41.27 32.43 4.91
N ASP A 419 -41.80 33.64 4.72
CA ASP A 419 -42.03 34.57 5.84
C ASP A 419 -42.86 33.87 6.93
N GLU A 420 -43.96 33.23 6.53
CA GLU A 420 -44.81 32.48 7.46
C GLU A 420 -44.10 31.27 8.03
N LEU A 421 -43.50 30.47 7.16
CA LEU A 421 -42.92 29.18 7.55
C LEU A 421 -41.78 29.31 8.56
N LEU A 422 -40.97 30.36 8.42
CA LEU A 422 -39.86 30.60 9.34
C LEU A 422 -40.38 30.87 10.75
N CYS A 423 -41.33 31.81 10.87
CA CYS A 423 -41.92 32.16 12.15
CA CYS A 423 -41.90 32.16 12.16
C CYS A 423 -42.66 30.97 12.75
N ASP A 424 -43.41 30.26 11.90
CA ASP A 424 -44.22 29.12 12.34
CA ASP A 424 -44.21 29.13 12.38
CA ASP A 424 -44.22 29.12 12.34
C ASP A 424 -43.34 27.97 12.84
N PHE A 425 -42.15 27.81 12.24
CA PHE A 425 -41.22 26.77 12.70
C PHE A 425 -40.82 27.05 14.15
N PHE A 426 -40.43 28.29 14.43
CA PHE A 426 -40.06 28.70 15.77
C PHE A 426 -41.23 28.57 16.75
N GLN A 427 -42.42 28.99 16.31
CA GLN A 427 -43.63 28.89 17.13
C GLN A 427 -43.98 27.43 17.44
N TYR A 428 -43.90 26.58 16.41
CA TYR A 428 -44.25 25.17 16.55
C TYR A 428 -43.36 24.44 17.57
N PHE A 429 -42.04 24.51 17.37
CA PHE A 429 -41.14 23.81 18.28
C PHE A 429 -40.93 24.56 19.59
N GLY A 430 -41.19 25.86 19.61
CA GLY A 430 -41.18 26.63 20.83
C GLY A 430 -42.29 26.23 21.80
N ASN A 431 -43.36 25.62 21.25
CA ASN A 431 -44.49 25.17 22.06
C ASN A 431 -44.73 23.65 22.01
N PHE A 432 -43.78 22.93 21.44
CA PHE A 432 -43.87 21.48 21.29
C PHE A 432 -43.62 20.79 22.63
N ASP A 433 -44.46 19.80 22.96
CA ASP A 433 -44.30 19.05 24.21
C ASP A 433 -43.27 17.94 24.01
N PHE A 434 -42.00 18.27 24.25
CA PHE A 434 -40.91 17.31 24.07
C PHE A 434 -40.89 16.23 25.15
N ARG A 435 -41.48 16.51 26.31
CA ARG A 435 -41.55 15.53 27.39
C ARG A 435 -42.48 14.36 27.03
N LYS A 436 -43.60 14.66 26.40
CA LYS A 436 -44.62 13.66 26.08
C LYS A 436 -44.56 13.12 24.64
N ASN A 437 -44.11 13.92 23.68
CA ASN A 437 -44.19 13.57 22.25
C ASN A 437 -42.83 13.31 21.60
N SER A 438 -42.83 12.37 20.65
CA SER A 438 -41.67 12.11 19.80
C SER A 438 -42.04 12.44 18.35
N LEU A 439 -41.03 12.58 17.49
CA LEU A 439 -41.25 12.92 16.08
C LEU A 439 -41.12 11.68 15.20
N ASN A 440 -42.23 11.26 14.59
CA ASN A 440 -42.25 10.12 13.66
C ASN A 440 -42.44 10.60 12.22
N LEU A 441 -41.37 10.55 11.43
CA LEU A 441 -41.40 11.04 10.05
C LEU A 441 -42.02 10.06 9.05
N ARG A 442 -42.16 8.80 9.43
CA ARG A 442 -42.89 7.84 8.61
C ARG A 442 -44.38 8.14 8.61
N LYS A 443 -44.90 8.49 9.78
CA LYS A 443 -46.32 8.76 9.96
C LYS A 443 -46.64 10.24 9.76
N GLY A 444 -45.65 11.11 9.95
CA GLY A 444 -45.88 12.55 9.95
C GLY A 444 -46.74 12.96 11.14
N LYS A 445 -46.52 12.30 12.28
CA LYS A 445 -47.33 12.51 13.47
C LYS A 445 -46.50 12.57 14.75
N GLU A 446 -47.01 13.31 15.73
CA GLU A 446 -46.46 13.29 17.08
C GLU A 446 -46.98 12.04 17.77
N VAL A 447 -46.08 11.23 18.33
CA VAL A 447 -46.47 9.97 18.98
C VAL A 447 -45.75 9.79 20.32
N ASN A 448 -46.29 8.91 21.15
CA ASN A 448 -45.68 8.58 22.44
C ASN A 448 -44.24 8.13 22.28
N LYS A 449 -43.39 8.49 23.23
CA LYS A 449 -41.96 8.19 23.18
C LYS A 449 -41.72 6.73 23.56
N PRO A 450 -41.09 5.95 22.66
CA PRO A 450 -40.75 4.56 22.97
C PRO A 450 -39.83 4.41 24.19
N GLU A 451 -38.87 5.33 24.32
CA GLU A 451 -37.95 5.34 25.47
C GLU A 451 -37.81 6.75 26.02
N SER A 452 -37.44 6.85 27.30
CA SER A 452 -37.25 8.14 27.94
C SER A 452 -35.96 8.80 27.46
N SER A 453 -36.13 9.92 26.76
CA SER A 453 -35.00 10.71 26.27
C SER A 453 -35.53 12.12 26.04
N PRO A 454 -34.73 13.16 26.39
CA PRO A 454 -35.21 14.53 26.23
C PRO A 454 -35.80 14.83 24.85
N LEU A 455 -35.06 14.51 23.79
CA LEU A 455 -35.51 14.73 22.43
C LEU A 455 -35.53 13.40 21.69
N TYR A 456 -36.73 12.95 21.31
CA TYR A 456 -36.90 11.69 20.59
C TYR A 456 -37.38 11.91 19.16
N ILE A 457 -36.50 11.62 18.21
CA ILE A 457 -36.84 11.62 16.79
C ILE A 457 -36.62 10.20 16.27
N TRP A 458 -37.69 9.59 15.75
CA TRP A 458 -37.65 8.21 15.30
C TRP A 458 -36.71 8.06 14.13
N ASN A 459 -35.80 7.08 14.23
CA ASN A 459 -35.00 6.69 13.08
C ASN A 459 -35.96 6.04 12.07
N PRO A 460 -36.09 6.63 10.87
CA PRO A 460 -37.09 6.17 9.92
C PRO A 460 -36.76 4.85 9.24
N PHE A 461 -35.54 4.35 9.43
CA PHE A 461 -35.10 3.13 8.76
C PHE A 461 -34.62 2.03 9.72
N GLU A 462 -34.69 2.27 11.03
CA GLU A 462 -34.35 1.25 12.03
C GLU A 462 -35.35 1.31 13.19
N GLN A 463 -35.81 0.13 13.61
CA GLN A 463 -36.81 0.03 14.67
C GLN A 463 -36.19 0.35 16.04
N ASP A 464 -36.95 1.05 16.87
CA ASP A 464 -36.57 1.33 18.26
C ASP A 464 -35.26 2.11 18.39
N LEU A 465 -35.04 3.07 17.49
CA LEU A 465 -33.80 3.87 17.52
C LEU A 465 -34.12 5.36 17.47
N ASN A 466 -33.49 6.11 18.37
CA ASN A 466 -33.64 7.56 18.46
C ASN A 466 -32.40 8.23 17.89
N ILE A 467 -32.57 8.98 16.79
CA ILE A 467 -31.44 9.66 16.16
C ILE A 467 -30.86 10.78 17.03
N SER A 468 -31.68 11.33 17.93
CA SER A 468 -31.26 12.44 18.80
C SER A 468 -31.10 12.00 20.26
N LYS A 469 -30.67 10.75 20.48
CA LYS A 469 -30.47 10.22 21.83
C LYS A 469 -29.34 10.95 22.57
N ASN A 470 -28.40 11.51 21.80
CA ASN A 470 -27.28 12.26 22.37
C ASN A 470 -27.66 13.55 23.09
N VAL A 471 -28.83 14.11 22.74
CA VAL A 471 -29.23 15.42 23.25
C VAL A 471 -29.70 15.33 24.70
N ASN A 472 -29.13 16.18 25.56
CA ASN A 472 -29.53 16.24 26.97
C ASN A 472 -30.58 17.33 27.20
N GLN A 473 -31.12 17.39 28.41
CA GLN A 473 -32.20 18.33 28.72
C GLN A 473 -31.74 19.80 28.64
N PRO A 474 -30.54 20.12 29.17
CA PRO A 474 -30.02 21.49 29.03
C PRO A 474 -29.97 22.00 27.59
N GLN A 475 -29.43 21.20 26.67
CA GLN A 475 -29.31 21.62 25.27
C GLN A 475 -30.69 21.73 24.61
N LEU A 476 -31.60 20.81 24.91
CA LEU A 476 -32.97 20.89 24.40
C LEU A 476 -33.68 22.15 24.89
N GLU A 477 -33.51 22.47 26.17
CA GLU A 477 -34.12 23.68 26.75
C GLU A 477 -33.55 24.94 26.13
N LYS A 478 -32.26 24.93 25.81
CA LYS A 478 -31.65 26.06 25.12
C LYS A 478 -32.29 26.25 23.75
N PHE A 479 -32.43 25.16 23.00
CA PHE A 479 -33.07 25.20 21.69
C PHE A 479 -34.47 25.80 21.76
N VAL A 480 -35.26 25.32 22.73
CA VAL A 480 -36.63 25.81 22.93
C VAL A 480 -36.66 27.30 23.26
N ALA A 481 -35.77 27.72 24.15
CA ALA A 481 -35.67 29.13 24.53
C ALA A 481 -35.32 30.01 23.33
N MET A 482 -34.36 29.57 22.53
CA MET A 482 -33.95 30.29 21.33
C MET A 482 -35.09 30.37 20.31
N ALA A 483 -35.83 29.27 20.18
CA ALA A 483 -36.97 29.22 19.27
C ALA A 483 -38.07 30.20 19.69
N ARG A 484 -38.40 30.21 20.98
CA ARG A 484 -39.44 31.10 21.49
C ARG A 484 -39.03 32.56 21.35
N GLU A 485 -37.78 32.88 21.66
CA GLU A 485 -37.29 34.24 21.51
C GLU A 485 -37.29 34.68 20.04
N SER A 486 -36.86 33.78 19.16
CA SER A 486 -36.84 34.08 17.72
C SER A 486 -38.25 34.34 17.19
N ALA A 487 -39.22 33.55 17.65
CA ALA A 487 -40.61 33.75 17.28
C ALA A 487 -41.13 35.12 17.72
N TRP A 488 -40.80 35.50 18.95
CA TRP A 488 -41.23 36.78 19.49
C TRP A 488 -40.62 37.96 18.72
N ILE A 489 -39.32 37.87 18.44
CA ILE A 489 -38.62 38.90 17.67
C ILE A 489 -39.31 39.14 16.32
N LEU A 490 -39.60 38.06 15.60
CA LEU A 490 -40.24 38.16 14.28
C LEU A 490 -41.68 38.64 14.37
N GLN A 491 -42.40 38.22 15.41
CA GLN A 491 -43.79 38.63 15.61
C GLN A 491 -43.93 40.11 15.96
N LYS A 492 -43.00 40.63 16.75
CA LYS A 492 -43.12 41.98 17.31
C LYS A 492 -42.44 43.09 16.51
N GLU A 493 -41.45 42.74 15.68
CA GLU A 493 -40.64 43.76 15.00
C GLU A 493 -41.44 44.57 13.97
N ASP A 494 -41.02 45.82 13.79
CA ASP A 494 -41.54 46.69 12.74
C ASP A 494 -40.45 46.81 11.69
N LYS A 495 -40.56 45.97 10.66
CA LYS A 495 -39.49 45.79 9.67
C LYS A 495 -39.19 47.07 8.88
N THR A 496 -40.23 47.82 8.52
CA THR A 496 -40.06 49.08 7.78
C THR A 496 -39.20 50.08 8.54
N GLN A 497 -39.43 50.21 9.85
CA GLN A 497 -38.67 51.14 10.68
C GLN A 497 -37.23 50.67 10.88
N GLN A 498 -37.03 49.36 11.04
CA GLN A 498 -35.69 48.79 11.18
C GLN A 498 -34.82 49.07 9.94
N MET A 499 -35.43 48.98 8.77
CA MET A 499 -34.76 49.31 7.51
C MET A 499 -34.32 50.78 7.51
N ILE A 500 -35.23 51.67 7.91
CA ILE A 500 -34.93 53.10 8.00
C ILE A 500 -33.89 53.37 9.09
N ASN A 501 -34.03 52.69 10.22
CA ASN A 501 -33.07 52.80 11.34
C ASN A 501 -31.73 52.11 11.10
N LYS A 502 -31.62 51.37 9.98
CA LYS A 502 -30.42 50.61 9.64
C LYS A 502 -30.07 49.56 10.70
N GLU A 503 -31.10 48.92 11.25
CA GLU A 503 -30.96 47.86 12.24
C GLU A 503 -31.36 46.52 11.62
N PRO A 504 -30.82 45.40 12.15
CA PRO A 504 -31.22 44.09 11.65
C PRO A 504 -32.72 43.83 11.75
N TRP A 505 -33.28 43.17 10.74
CA TRP A 505 -34.70 42.82 10.71
C TRP A 505 -34.88 41.46 10.02
N GLY A 506 -36.03 40.85 10.25
CA GLY A 506 -36.37 39.58 9.62
C GLY A 506 -35.36 38.49 9.97
N LEU A 507 -34.92 37.76 8.96
CA LEU A 507 -33.92 36.71 9.14
C LEU A 507 -32.66 37.24 9.82
N ALA A 508 -32.20 38.43 9.42
CA ALA A 508 -31.01 39.04 10.01
C ALA A 508 -31.16 39.23 11.51
N ALA A 509 -32.38 39.57 11.96
CA ALA A 509 -32.64 39.79 13.39
C ALA A 509 -32.49 38.52 14.22
N VAL A 510 -32.74 37.36 13.63
CA VAL A 510 -32.56 36.09 14.35
C VAL A 510 -31.21 35.40 14.06
N LEU A 511 -30.42 35.97 13.15
CA LEU A 511 -29.07 35.47 12.87
C LEU A 511 -27.98 36.30 13.56
N ILE A 512 -28.35 36.99 14.64
CA ILE A 512 -27.38 37.63 15.52
C ILE A 512 -27.62 37.17 16.95
N PRO A 513 -26.55 37.14 17.79
CA PRO A 513 -26.72 36.70 19.18
C PRO A 513 -27.79 37.48 19.95
N PHE A 514 -28.53 36.79 20.82
CA PHE A 514 -29.52 37.43 21.68
C PHE A 514 -28.89 37.77 23.02
N LYS B 39 25.89 -14.06 -19.71
CA LYS B 39 27.33 -14.22 -19.33
C LYS B 39 27.65 -13.59 -17.97
N THR B 40 27.42 -12.29 -17.85
CA THR B 40 27.77 -11.56 -16.63
C THR B 40 26.74 -11.79 -15.52
N PHE B 41 27.13 -11.43 -14.30
CA PHE B 41 26.22 -11.51 -13.15
C PHE B 41 24.91 -10.79 -13.45
N THR B 42 25.01 -9.57 -13.97
CA THR B 42 23.83 -8.76 -14.30
C THR B 42 22.95 -9.44 -15.37
N GLU B 43 23.58 -10.05 -16.36
CA GLU B 43 22.85 -10.76 -17.41
C GLU B 43 22.16 -12.03 -16.89
N VAL B 44 22.79 -12.71 -15.94
CA VAL B 44 22.16 -13.87 -15.28
C VAL B 44 20.89 -13.43 -14.54
N GLN B 45 20.99 -12.34 -13.77
CA GLN B 45 19.84 -11.82 -13.03
CA GLN B 45 19.82 -11.82 -13.03
C GLN B 45 18.67 -11.47 -13.96
N THR B 46 18.97 -10.76 -15.04
CA THR B 46 17.97 -10.34 -16.02
C THR B 46 17.22 -11.55 -16.60
N GLU B 47 17.96 -12.58 -17.00
CA GLU B 47 17.37 -13.79 -17.55
C GLU B 47 16.51 -14.54 -16.52
N ARG B 48 17.03 -14.68 -15.31
CA ARG B 48 16.31 -15.35 -14.23
C ARG B 48 14.99 -14.64 -13.92
N LEU B 49 15.01 -13.33 -13.88
CA LEU B 49 13.81 -12.54 -13.57
C LEU B 49 12.77 -12.63 -14.69
N GLU B 50 13.23 -12.64 -15.94
CA GLU B 50 12.34 -12.80 -17.10
C GLU B 50 11.60 -14.15 -17.07
N GLN B 51 12.30 -15.21 -16.69
CA GLN B 51 11.70 -16.53 -16.56
C GLN B 51 10.70 -16.58 -15.40
N ALA B 52 11.05 -15.95 -14.28
CA ALA B 52 10.15 -15.84 -13.12
C ALA B 52 8.88 -15.05 -13.45
N ASP B 53 9.03 -14.06 -14.33
CA ASP B 53 7.93 -13.19 -14.73
CA ASP B 53 7.91 -13.20 -14.73
C ASP B 53 6.82 -13.96 -15.47
N ARG B 54 7.16 -15.08 -16.09
CA ARG B 54 6.17 -15.90 -16.79
C ARG B 54 5.96 -17.26 -16.10
N SER B 55 6.18 -17.27 -14.79
CA SER B 55 5.99 -18.48 -14.00
C SER B 55 4.85 -18.29 -13.00
N VAL B 56 4.23 -19.39 -12.61
CA VAL B 56 3.16 -19.40 -11.62
C VAL B 56 3.35 -20.54 -10.64
N LEU B 57 2.67 -20.45 -9.50
CA LEU B 57 2.66 -21.50 -8.49
C LEU B 57 1.25 -22.07 -8.36
N ILE B 58 1.15 -23.39 -8.35
CA ILE B 58 -0.13 -24.08 -8.23
C ILE B 58 -0.11 -25.03 -7.04
N LYS B 59 -1.05 -24.83 -6.11
CA LYS B 59 -1.30 -25.82 -5.05
C LYS B 59 -2.11 -26.95 -5.68
N CYS B 60 -1.56 -28.16 -5.65
CA CYS B 60 -2.13 -29.28 -6.42
C CYS B 60 -3.22 -30.03 -5.67
N PRO B 61 -4.12 -30.71 -6.42
CA PRO B 61 -5.13 -31.56 -5.79
C PRO B 61 -4.51 -32.67 -4.92
N SER B 62 -5.25 -33.10 -3.90
CA SER B 62 -4.79 -34.17 -3.01
C SER B 62 -4.42 -35.43 -3.79
N LYS B 63 -5.27 -35.80 -4.75
CA LYS B 63 -5.00 -36.93 -5.64
C LYS B 63 -4.49 -36.39 -6.98
N LEU B 64 -3.18 -36.21 -7.07
CA LEU B 64 -2.58 -35.52 -8.21
C LEU B 64 -2.25 -36.46 -9.37
N ASN B 65 -2.81 -36.18 -10.54
CA ASN B 65 -2.38 -36.81 -11.78
C ASN B 65 -1.54 -35.81 -12.58
N GLU B 66 -0.24 -36.06 -12.63
CA GLU B 66 0.71 -35.16 -13.27
C GLU B 66 0.38 -34.88 -14.72
N LYS B 67 0.13 -35.93 -15.50
CA LYS B 67 -0.15 -35.81 -16.93
C LYS B 67 -1.39 -34.96 -17.20
N LYS B 68 -2.48 -35.24 -16.48
CA LYS B 68 -3.72 -34.47 -16.65
C LYS B 68 -3.52 -32.98 -16.33
N LEU B 69 -2.78 -32.70 -15.26
CA LEU B 69 -2.51 -31.30 -14.87
C LEU B 69 -1.74 -30.55 -15.96
N LEU B 70 -0.65 -31.15 -16.43
CA LEU B 70 0.19 -30.52 -17.46
CA LEU B 70 0.19 -30.52 -17.45
C LEU B 70 -0.53 -30.42 -18.78
N GLN B 71 -1.29 -31.47 -19.13
CA GLN B 71 -2.09 -31.45 -20.36
C GLN B 71 -3.06 -30.27 -20.33
N TYR B 72 -3.72 -30.06 -19.20
CA TYR B 72 -4.61 -28.91 -19.07
C TYR B 72 -3.87 -27.58 -19.16
N LEU B 73 -2.78 -27.43 -18.40
CA LEU B 73 -2.02 -26.18 -18.38
C LEU B 73 -1.42 -25.83 -19.73
N SER B 74 -0.99 -26.85 -20.48
CA SER B 74 -0.49 -26.65 -21.84
C SER B 74 -1.53 -26.10 -22.82
N SER B 75 -2.81 -26.22 -22.49
CA SER B 75 -3.87 -25.61 -23.30
C SER B 75 -3.84 -24.07 -23.21
N HIS B 76 -3.17 -23.53 -22.20
CA HIS B 76 -2.95 -22.09 -22.09
C HIS B 76 -1.64 -21.64 -22.75
N GLY B 77 -0.82 -22.60 -23.20
CA GLY B 77 0.44 -22.29 -23.86
C GLY B 77 1.54 -23.26 -23.48
N LYS B 78 2.62 -23.28 -24.26
CA LYS B 78 3.73 -24.18 -24.02
C LYS B 78 4.39 -23.92 -22.66
N ILE B 79 4.86 -25.00 -22.03
CA ILE B 79 5.55 -24.94 -20.75
C ILE B 79 7.02 -25.32 -20.94
N ASP B 80 7.93 -24.39 -20.65
CA ASP B 80 9.37 -24.63 -20.80
C ASP B 80 9.93 -25.50 -19.68
N ASN B 81 9.52 -25.22 -18.44
CA ASN B 81 10.00 -25.94 -17.27
C ASN B 81 8.90 -26.07 -16.22
N TYR B 82 8.96 -27.14 -15.44
CA TYR B 82 8.09 -27.29 -14.28
C TYR B 82 8.69 -28.29 -13.30
N PHE B 83 8.29 -28.19 -12.04
CA PHE B 83 8.66 -29.18 -11.04
C PHE B 83 7.67 -29.14 -9.88
N PHE B 84 7.72 -30.18 -9.06
CA PHE B 84 6.88 -30.28 -7.88
C PHE B 84 7.73 -30.22 -6.62
N PHE B 85 7.19 -29.63 -5.57
CA PHE B 85 7.84 -29.63 -4.27
C PHE B 85 6.83 -29.78 -3.14
N GLU B 86 7.31 -30.30 -2.02
CA GLU B 86 6.48 -30.56 -0.84
C GLU B 86 6.57 -29.39 0.14
N ASN B 87 5.42 -28.85 0.50
CA ASN B 87 5.34 -27.80 1.50
C ASN B 87 3.89 -27.68 1.99
N ARG B 88 3.55 -28.51 2.97
CA ARG B 88 2.17 -28.64 3.45
C ARG B 88 1.26 -29.02 2.27
N GLY B 89 1.61 -30.13 1.63
CA GLY B 89 0.97 -30.55 0.38
C GLY B 89 1.87 -30.31 -0.80
N ILE B 90 1.46 -30.85 -1.96
CA ILE B 90 2.27 -30.76 -3.18
C ILE B 90 1.99 -29.44 -3.90
N HIS B 91 3.05 -28.75 -4.28
CA HIS B 91 2.97 -27.52 -5.07
C HIS B 91 3.74 -27.70 -6.37
N ALA B 92 3.32 -27.01 -7.41
CA ALA B 92 4.00 -27.05 -8.70
C ALA B 92 4.43 -25.66 -9.13
N LEU B 93 5.69 -25.52 -9.53
CA LEU B 93 6.14 -24.33 -10.22
C LEU B 93 6.00 -24.61 -11.71
N ILE B 94 5.30 -23.71 -12.41
CA ILE B 94 5.10 -23.82 -13.85
C ILE B 94 5.73 -22.61 -14.52
N GLU B 95 6.68 -22.85 -15.42
CA GLU B 95 7.32 -21.80 -16.19
C GLU B 95 6.81 -21.86 -17.62
N PHE B 96 5.93 -20.93 -17.98
CA PHE B 96 5.38 -20.87 -19.34
C PHE B 96 6.42 -20.29 -20.30
N SER B 97 6.34 -20.73 -21.56
CA SER B 97 7.22 -20.21 -22.61
C SER B 97 6.93 -18.74 -22.90
N GLU B 98 5.63 -18.40 -22.90
CA GLU B 98 5.17 -17.05 -23.19
C GLU B 98 4.47 -16.45 -21.97
N LYS B 99 4.74 -15.18 -21.71
CA LYS B 99 4.11 -14.46 -20.59
C LYS B 99 2.58 -14.43 -20.73
N SER B 100 2.09 -14.30 -21.96
CA SER B 100 0.64 -14.26 -22.23
C SER B 100 -0.15 -15.42 -21.63
N SER B 101 0.49 -16.58 -21.50
CA SER B 101 -0.13 -17.77 -20.90
C SER B 101 -0.60 -17.54 -19.45
N VAL B 102 0.08 -16.65 -18.73
CA VAL B 102 -0.31 -16.34 -17.36
C VAL B 102 -1.69 -15.69 -17.35
N ALA B 103 -1.88 -14.66 -18.18
CA ALA B 103 -3.16 -13.98 -18.29
C ALA B 103 -4.25 -14.93 -18.79
N SER B 104 -3.87 -15.86 -19.65
CA SER B 104 -4.80 -16.88 -20.15
C SER B 104 -5.33 -17.76 -19.01
N LEU B 105 -4.41 -18.21 -18.15
CA LEU B 105 -4.79 -19.02 -16.99
C LEU B 105 -5.62 -18.22 -15.99
N GLN B 106 -5.22 -16.97 -15.76
CA GLN B 106 -5.95 -16.09 -14.85
C GLN B 106 -7.38 -15.81 -15.32
N ALA B 107 -7.57 -15.79 -16.64
CA ALA B 107 -8.90 -15.54 -17.22
C ALA B 107 -9.95 -16.62 -16.87
N VAL B 108 -9.49 -17.83 -16.54
CA VAL B 108 -10.38 -18.92 -16.14
C VAL B 108 -10.31 -19.22 -14.64
N THR B 109 -9.63 -18.38 -13.88
CA THR B 109 -9.47 -18.58 -12.44
C THR B 109 -10.46 -17.71 -11.66
N GLY B 110 -11.12 -18.30 -10.68
CA GLY B 110 -12.12 -17.59 -9.89
C GLY B 110 -11.65 -17.14 -8.53
N ILE B 111 -12.44 -16.27 -7.92
CA ILE B 111 -12.23 -15.82 -6.55
C ILE B 111 -12.95 -16.79 -5.63
N PRO B 112 -12.28 -17.31 -4.58
CA PRO B 112 -12.95 -18.23 -3.65
C PRO B 112 -14.19 -17.61 -2.99
N LYS B 113 -15.14 -18.46 -2.63
CA LYS B 113 -16.39 -18.03 -2.00
C LYS B 113 -17.10 -19.22 -1.35
N HIS B 118 -14.77 -14.93 3.07
CA HIS B 118 -14.41 -13.57 2.73
C HIS B 118 -12.89 -13.40 2.65
N VAL B 119 -12.45 -12.68 1.64
CA VAL B 119 -11.04 -12.65 1.26
C VAL B 119 -10.61 -11.25 0.83
N VAL B 120 -9.30 -11.03 0.81
CA VAL B 120 -8.73 -9.84 0.23
C VAL B 120 -8.51 -10.16 -1.25
N PRO B 121 -9.29 -9.55 -2.16
CA PRO B 121 -9.29 -9.98 -3.55
C PRO B 121 -8.12 -9.47 -4.40
N TYR B 122 -6.90 -9.63 -3.88
CA TYR B 122 -5.70 -9.34 -4.65
C TYR B 122 -5.43 -10.55 -5.55
N LYS B 123 -5.45 -10.33 -6.85
CA LYS B 123 -5.21 -11.40 -7.82
C LYS B 123 -3.72 -11.53 -8.10
N SER B 124 -3.25 -12.78 -8.10
CA SER B 124 -1.84 -13.08 -8.12
C SER B 124 -1.53 -14.20 -9.12
N ARG B 125 -0.32 -14.74 -9.03
CA ARG B 125 0.08 -15.94 -9.76
C ARG B 125 0.17 -17.14 -8.83
N LEU B 126 -0.60 -17.10 -7.74
CA LEU B 126 -0.76 -18.23 -6.83
C LEU B 126 -2.13 -18.84 -7.05
N PHE B 127 -2.15 -20.09 -7.50
CA PHE B 127 -3.38 -20.77 -7.84
C PHE B 127 -3.58 -21.99 -6.96
N THR B 128 -4.85 -22.33 -6.72
CA THR B 128 -5.21 -23.57 -6.05
C THR B 128 -6.11 -24.36 -6.99
N PHE B 129 -5.68 -25.59 -7.31
CA PHE B 129 -6.41 -26.48 -8.21
C PHE B 129 -7.02 -27.59 -7.37
N THR B 130 -8.33 -27.82 -7.53
CA THR B 130 -9.01 -28.95 -6.89
C THR B 130 -9.89 -29.67 -7.92
N LEU B 131 -10.37 -30.86 -7.56
CA LEU B 131 -11.25 -31.65 -8.41
C LEU B 131 -12.70 -31.31 -8.05
N LYS B 132 -13.57 -31.19 -9.04
CA LYS B 132 -14.99 -30.92 -8.78
C LYS B 132 -15.66 -32.04 -7.99
N ASN B 133 -15.42 -33.28 -8.41
CA ASN B 133 -16.01 -34.46 -7.78
C ASN B 133 -14.91 -35.40 -7.28
N PRO B 134 -14.33 -35.11 -6.10
CA PRO B 134 -13.15 -35.84 -5.64
C PRO B 134 -13.38 -37.33 -5.40
N GLY B 135 -14.61 -37.71 -5.06
CA GLY B 135 -14.93 -39.11 -4.80
C GLY B 135 -15.19 -39.92 -6.07
N SER B 136 -15.08 -39.28 -7.23
CA SER B 136 -15.26 -39.95 -8.52
C SER B 136 -13.95 -40.11 -9.31
N GLN B 137 -12.80 -39.89 -8.64
CA GLN B 137 -11.46 -40.15 -9.18
C GLN B 137 -10.75 -41.14 -8.25
N ALA B 138 -10.14 -42.17 -8.82
CA ALA B 138 -9.48 -43.20 -7.99
C ALA B 138 -8.21 -42.71 -7.29
N ALA B 139 -7.60 -43.58 -6.48
CA ALA B 139 -6.33 -43.23 -5.79
C ALA B 139 -5.16 -43.42 -6.75
N GLU B 140 -4.22 -42.48 -6.70
CA GLU B 140 -3.20 -42.34 -7.73
C GLU B 140 -1.96 -43.23 -7.50
N GLU B 141 -1.55 -43.97 -8.51
CA GLU B 141 -0.48 -44.98 -8.33
C GLU B 141 0.95 -44.49 -8.07
N ARG B 142 1.56 -43.81 -9.04
CA ARG B 142 2.92 -43.29 -8.87
C ARG B 142 3.11 -41.82 -9.28
N PRO B 143 2.46 -40.90 -8.56
CA PRO B 143 2.83 -39.49 -8.51
C PRO B 143 3.57 -39.17 -7.21
N VAL B 144 4.33 -38.08 -7.14
CA VAL B 144 5.02 -37.41 -8.24
C VAL B 144 6.48 -37.28 -7.77
N LYS B 145 7.41 -36.95 -8.65
CA LYS B 145 8.79 -36.67 -8.24
C LYS B 145 8.83 -35.34 -7.48
N ILE B 146 9.38 -35.36 -6.28
CA ILE B 146 9.47 -34.18 -5.42
C ILE B 146 10.88 -33.61 -5.46
N SER B 147 11.01 -32.32 -5.77
CA SER B 147 12.31 -31.63 -5.76
C SER B 147 12.59 -31.09 -4.36
N PRO B 148 13.69 -31.54 -3.73
CA PRO B 148 13.97 -31.11 -2.36
C PRO B 148 14.42 -29.65 -2.27
N GLN B 149 13.89 -28.92 -1.29
CA GLN B 149 14.27 -27.53 -1.06
C GLN B 149 15.10 -27.36 0.21
N SER B 150 15.47 -28.48 0.85
CA SER B 150 16.33 -28.48 2.02
C SER B 150 17.44 -29.49 1.83
N HIS B 151 18.56 -29.31 2.53
CA HIS B 151 19.65 -30.29 2.46
C HIS B 151 19.53 -31.28 3.61
N ILE B 152 20.16 -32.44 3.43
CA ILE B 152 20.20 -33.46 4.47
C ILE B 152 20.93 -32.96 5.72
N PRO B 153 20.50 -33.41 6.90
CA PRO B 153 21.16 -32.99 8.14
C PRO B 153 22.56 -33.58 8.26
N VAL B 154 23.37 -33.02 9.15
CA VAL B 154 24.78 -33.44 9.28
C VAL B 154 24.91 -34.92 9.63
N ASN B 155 24.03 -35.43 10.48
CA ASN B 155 24.08 -36.85 10.87
C ASN B 155 23.88 -37.82 9.71
N GLU B 156 23.19 -37.37 8.66
CA GLU B 156 23.04 -38.15 7.43
C GLU B 156 24.21 -37.91 6.48
N LEU B 157 24.78 -36.71 6.55
CA LEU B 157 25.93 -36.34 5.71
C LEU B 157 27.18 -37.13 6.10
N ILE B 158 27.44 -37.24 7.41
CA ILE B 158 28.68 -37.84 7.90
C ILE B 158 28.96 -39.24 7.34
N PRO B 159 27.96 -40.16 7.40
CA PRO B 159 28.17 -41.47 6.77
C PRO B 159 28.56 -41.41 5.29
N LYS B 160 27.96 -40.49 4.54
CA LYS B 160 28.30 -40.31 3.13
C LYS B 160 29.75 -39.84 2.96
N LEU B 161 30.19 -38.96 3.85
CA LEU B 161 31.57 -38.48 3.82
C LEU B 161 32.56 -39.59 4.17
N CYS B 162 32.21 -40.42 5.15
CA CYS B 162 33.08 -41.52 5.58
C CYS B 162 33.26 -42.59 4.50
N HIS B 163 32.28 -42.73 3.61
CA HIS B 163 32.34 -43.70 2.51
CA HIS B 163 32.32 -43.69 2.50
C HIS B 163 33.08 -43.16 1.29
N ALA B 164 33.48 -41.89 1.32
CA ALA B 164 34.24 -41.29 0.21
C ALA B 164 35.67 -41.82 0.16
N ASP B 165 36.36 -41.54 -0.94
CA ASP B 165 37.74 -42.05 -1.15
C ASP B 165 38.82 -41.07 -0.68
N SER B 166 38.48 -39.79 -0.60
CA SER B 166 39.46 -38.77 -0.23
C SER B 166 38.78 -37.54 0.37
N ILE B 167 39.59 -36.66 0.95
CA ILE B 167 39.10 -35.42 1.51
C ILE B 167 38.48 -34.54 0.42
N SER B 168 39.12 -34.47 -0.74
CA SER B 168 38.58 -33.71 -1.87
CA SER B 168 38.59 -33.71 -1.87
C SER B 168 37.17 -34.18 -2.22
N SER B 169 37.00 -35.50 -2.32
CA SER B 169 35.70 -36.09 -2.63
C SER B 169 34.67 -35.80 -1.54
N GLN B 170 35.09 -35.85 -0.28
CA GLN B 170 34.22 -35.49 0.84
C GLN B 170 33.67 -34.07 0.68
N MET B 171 34.55 -33.15 0.32
CA MET B 171 34.18 -31.74 0.21
C MET B 171 33.26 -31.50 -0.98
N TYR B 172 33.46 -32.23 -2.07
CA TYR B 172 32.54 -32.12 -3.21
C TYR B 172 31.17 -32.77 -2.94
N ILE B 173 31.15 -33.83 -2.15
CA ILE B 173 29.89 -34.43 -1.70
C ILE B 173 29.09 -33.41 -0.89
N LEU B 174 29.74 -32.77 0.08
CA LEU B 174 29.08 -31.76 0.90
C LEU B 174 28.53 -30.64 0.01
N LEU B 175 29.35 -30.14 -0.90
CA LEU B 175 28.95 -29.06 -1.80
C LEU B 175 27.71 -29.46 -2.62
N ASN B 176 27.73 -30.66 -3.17
CA ASN B 176 26.60 -31.16 -3.98
C ASN B 176 25.32 -31.35 -3.17
N GLU B 177 25.45 -31.79 -1.93
CA GLU B 177 24.30 -31.96 -1.04
C GLU B 177 23.71 -30.63 -0.59
N TYR B 178 24.56 -29.61 -0.42
CA TYR B 178 24.17 -28.34 0.20
C TYR B 178 23.77 -27.24 -0.78
N GLN B 179 24.38 -27.22 -1.96
CA GLN B 179 24.23 -26.07 -2.86
C GLN B 179 22.81 -25.94 -3.39
N LEU B 180 22.48 -24.72 -3.81
CA LEU B 180 21.17 -24.46 -4.40
C LEU B 180 21.01 -25.28 -5.67
N THR B 181 19.82 -25.84 -5.84
CA THR B 181 19.48 -26.56 -7.06
C THR B 181 18.84 -25.59 -8.04
N GLU B 182 18.77 -26.00 -9.30
CA GLU B 182 18.14 -25.21 -10.35
C GLU B 182 16.69 -24.90 -9.99
N GLU B 183 16.00 -25.90 -9.44
CA GLU B 183 14.62 -25.77 -9.02
C GLU B 183 14.48 -24.75 -7.88
N ASN B 184 15.37 -24.85 -6.89
CA ASN B 184 15.37 -23.93 -5.76
C ASN B 184 15.62 -22.48 -6.19
N ILE B 185 16.53 -22.29 -7.13
CA ILE B 185 16.85 -20.98 -7.67
C ILE B 185 15.64 -20.38 -8.37
N LYS B 186 14.99 -21.17 -9.23
CA LYS B 186 13.76 -20.74 -9.88
C LYS B 186 12.71 -20.32 -8.85
N LEU B 187 12.60 -21.09 -7.77
CA LEU B 187 11.64 -20.79 -6.71
C LEU B 187 11.97 -19.45 -6.02
N ARG B 188 13.26 -19.19 -5.81
CA ARG B 188 13.70 -17.95 -5.18
C ARG B 188 13.38 -16.72 -6.03
N TYR B 189 13.66 -16.80 -7.33
CA TYR B 189 13.34 -15.68 -8.24
C TYR B 189 11.85 -15.46 -8.39
N LEU B 190 11.07 -16.55 -8.37
CA LEU B 190 9.61 -16.43 -8.42
C LEU B 190 9.09 -15.74 -7.15
N ALA B 191 9.63 -16.09 -5.99
CA ALA B 191 9.27 -15.39 -4.74
C ALA B 191 9.50 -13.88 -4.86
N CYS B 192 10.65 -13.48 -5.42
CA CYS B 192 10.94 -12.07 -5.67
C CYS B 192 9.95 -11.44 -6.64
N SER B 193 9.63 -12.16 -7.71
CA SER B 193 8.70 -11.70 -8.75
C SER B 193 7.30 -11.48 -8.16
N LEU B 194 6.89 -12.36 -7.26
CA LEU B 194 5.59 -12.23 -6.59
C LEU B 194 5.56 -11.01 -5.67
N VAL B 195 6.63 -10.80 -4.91
CA VAL B 195 6.74 -9.61 -4.04
C VAL B 195 6.74 -8.35 -4.88
N ARG B 196 7.45 -8.39 -6.01
CA ARG B 196 7.45 -7.28 -6.94
C ARG B 196 6.02 -6.95 -7.33
N ASP B 197 5.25 -7.95 -7.76
CA ASP B 197 3.86 -7.72 -8.16
C ASP B 197 3.02 -7.16 -7.02
N PHE B 198 3.26 -7.66 -5.81
CA PHE B 198 2.55 -7.13 -4.65
C PHE B 198 2.93 -5.65 -4.42
N ALA B 199 4.22 -5.33 -4.53
CA ALA B 199 4.67 -3.95 -4.36
C ALA B 199 4.15 -3.02 -5.47
N ARG B 200 3.95 -3.58 -6.66
CA ARG B 200 3.58 -2.77 -7.83
C ARG B 200 2.15 -2.21 -7.78
N ALA B 201 1.31 -2.76 -6.89
CA ALA B 201 -0.04 -2.23 -6.64
C ALA B 201 -0.03 -0.77 -6.21
N TYR B 202 0.93 -0.38 -5.36
CA TYR B 202 1.08 1.02 -4.96
C TYR B 202 2.25 1.72 -5.67
N PHE B 203 3.24 0.94 -6.10
CA PHE B 203 4.50 1.47 -6.62
C PHE B 203 4.81 0.80 -7.98
N PRO B 204 4.16 1.28 -9.07
CA PRO B 204 4.20 0.58 -10.36
C PRO B 204 5.59 0.35 -10.97
N ASP B 205 6.57 1.19 -10.62
CA ASP B 205 7.94 1.06 -11.13
C ASP B 205 8.82 0.13 -10.27
N SER B 206 8.23 -0.55 -9.31
CA SER B 206 8.98 -1.45 -8.42
C SER B 206 9.69 -2.60 -9.17
N THR B 207 10.94 -2.89 -8.83
CA THR B 207 11.57 -4.18 -9.15
C THR B 207 12.01 -4.78 -7.83
N VAL B 208 11.99 -6.11 -7.73
CA VAL B 208 12.49 -6.82 -6.57
C VAL B 208 13.47 -7.88 -7.04
N LYS B 209 14.72 -7.77 -6.61
CA LYS B 209 15.78 -8.66 -7.06
C LYS B 209 16.52 -9.26 -5.87
N PRO B 210 16.87 -10.56 -5.97
CA PRO B 210 17.58 -11.19 -4.87
C PRO B 210 19.06 -10.78 -4.83
N PHE B 211 19.64 -10.81 -3.64
CA PHE B 211 21.08 -10.60 -3.46
C PHE B 211 21.60 -11.56 -2.40
N GLY B 212 22.91 -11.49 -2.10
CA GLY B 212 23.49 -12.32 -1.06
C GLY B 212 23.56 -13.79 -1.46
N SER B 213 23.36 -14.67 -0.49
CA SER B 213 23.52 -16.11 -0.67
C SER B 213 22.67 -16.71 -1.79
N SER B 214 21.51 -16.10 -2.07
CA SER B 214 20.63 -16.58 -3.13
C SER B 214 21.24 -16.49 -4.53
N VAL B 215 22.23 -15.63 -4.70
CA VAL B 215 22.79 -15.33 -6.02
C VAL B 215 24.33 -15.33 -6.12
N ASN B 216 25.04 -15.37 -4.99
CA ASN B 216 26.52 -15.22 -5.00
C ASN B 216 27.29 -16.54 -5.16
N THR B 217 26.58 -17.63 -5.40
CA THR B 217 27.10 -19.00 -5.55
C THR B 217 27.42 -19.72 -4.23
N PHE B 218 27.30 -19.06 -3.09
CA PHE B 218 27.63 -19.69 -1.81
C PHE B 218 26.41 -20.02 -0.96
N GLY B 219 25.21 -19.84 -1.50
CA GLY B 219 23.99 -20.16 -0.77
C GLY B 219 23.77 -21.65 -0.65
N LYS B 220 23.31 -22.09 0.54
CA LYS B 220 22.94 -23.48 0.73
CA LYS B 220 22.93 -23.47 0.74
C LYS B 220 21.42 -23.57 0.86
N LEU B 221 20.87 -24.72 0.51
CA LEU B 221 19.45 -24.94 0.61
C LEU B 221 18.99 -24.61 2.02
N GLY B 222 17.86 -23.91 2.11
CA GLY B 222 17.31 -23.49 3.38
C GLY B 222 17.64 -22.06 3.77
N CYS B 223 18.58 -21.43 3.06
CA CYS B 223 19.00 -20.07 3.41
C CYS B 223 17.90 -19.06 3.06
N ASP B 224 17.91 -17.93 3.76
CA ASP B 224 16.93 -16.87 3.52
C ASP B 224 17.00 -16.35 2.08
N VAL B 225 15.90 -15.79 1.62
CA VAL B 225 15.88 -15.04 0.36
C VAL B 225 15.99 -13.56 0.70
N ASP B 226 17.16 -12.99 0.47
CA ASP B 226 17.38 -11.56 0.68
C ASP B 226 16.98 -10.81 -0.58
N MET B 227 16.04 -9.88 -0.44
CA MET B 227 15.44 -9.17 -1.57
C MET B 227 15.67 -7.67 -1.48
N PHE B 228 16.00 -7.04 -2.62
CA PHE B 228 16.13 -5.59 -2.71
C PHE B 228 15.02 -5.00 -3.58
N LEU B 229 14.34 -4.00 -3.03
CA LEU B 229 13.33 -3.24 -3.76
C LEU B 229 13.98 -1.98 -4.34
N ASP B 230 13.76 -1.74 -5.63
CA ASP B 230 14.20 -0.52 -6.31
CA ASP B 230 14.16 -0.48 -6.25
C ASP B 230 13.10 0.04 -7.22
N PHE B 231 13.24 1.30 -7.61
CA PHE B 231 12.27 1.95 -8.51
C PHE B 231 12.93 2.42 -9.82
N HIS B 232 12.42 1.89 -10.94
CA HIS B 232 12.88 2.26 -12.27
C HIS B 232 11.72 2.27 -13.24
N ASP B 233 11.69 3.26 -14.12
CA ASP B 233 10.59 3.45 -15.07
C ASP B 233 10.26 2.18 -15.85
N ILE B 234 8.99 1.76 -15.80
CA ILE B 234 8.52 0.62 -16.60
C ILE B 234 8.47 0.94 -18.09
N GLN B 235 8.34 2.23 -18.42
CA GLN B 235 8.45 2.69 -19.80
C GLN B 235 9.90 2.57 -20.25
N LYS B 236 10.25 1.40 -20.79
CA LYS B 236 11.60 1.11 -21.24
C LYS B 236 11.88 1.69 -22.63
N HIS B 237 10.81 2.01 -23.37
CA HIS B 237 10.94 2.53 -24.73
C HIS B 237 11.36 4.00 -24.74
N ALA B 238 11.79 4.48 -25.91
CA ALA B 238 12.36 5.82 -26.05
C ALA B 238 11.25 6.86 -26.12
N THR B 239 11.08 7.61 -25.04
CA THR B 239 10.10 8.71 -25.00
C THR B 239 10.60 9.91 -25.81
N LYS B 240 9.73 10.48 -26.64
CA LYS B 240 10.09 11.55 -27.56
C LYS B 240 10.30 12.74 -26.62
N MET B 241 10.83 13.82 -27.20
CA MET B 241 10.71 15.26 -26.96
C MET B 241 9.21 15.61 -26.95
N LYS B 242 8.70 16.04 -25.80
CA LYS B 242 7.33 16.54 -25.68
C LYS B 242 7.20 17.91 -26.33
N LYS B 243 6.09 18.13 -27.03
CA LYS B 243 5.89 19.37 -27.77
C LYS B 243 5.52 20.55 -26.88
N GLY B 244 5.01 20.28 -25.68
CA GLY B 244 4.51 21.34 -24.79
C GLY B 244 5.58 21.96 -23.92
N PRO B 245 5.24 23.06 -23.23
CA PRO B 245 6.20 23.83 -22.44
C PRO B 245 6.50 23.31 -21.03
N PHE B 246 5.76 22.31 -20.56
CA PHE B 246 5.82 21.95 -19.14
C PHE B 246 6.66 20.71 -18.76
N GLU B 247 7.41 20.84 -17.66
CA GLU B 247 7.96 19.68 -16.97
C GLU B 247 6.84 19.17 -16.05
N MET B 248 6.61 17.86 -16.07
CA MET B 248 5.42 17.30 -15.44
C MET B 248 5.81 16.18 -14.49
N GLU B 249 5.40 16.36 -13.23
CA GLU B 249 5.71 15.40 -12.18
C GLU B 249 4.48 15.17 -11.31
N TYR B 250 4.52 14.07 -10.56
CA TYR B 250 3.51 13.79 -9.55
C TYR B 250 3.72 14.71 -8.36
N GLN B 251 2.64 15.05 -7.68
CA GLN B 251 2.75 15.76 -6.41
C GLN B 251 3.25 14.74 -5.41
N MET B 252 4.51 14.87 -5.00
CA MET B 252 5.11 13.98 -4.02
C MET B 252 5.87 14.82 -3.01
N LYS B 253 5.82 14.40 -1.74
CA LYS B 253 6.62 15.03 -0.70
C LYS B 253 8.09 14.69 -0.91
N ARG B 254 8.93 15.72 -0.90
CA ARG B 254 10.37 15.54 -0.88
C ARG B 254 10.81 15.34 0.56
N LEU B 255 11.24 14.13 0.90
CA LEU B 255 11.65 13.82 2.26
C LEU B 255 13.13 14.17 2.46
N PRO B 256 13.50 14.56 3.69
CA PRO B 256 14.88 15.00 3.91
C PRO B 256 15.93 13.94 3.58
N SER B 257 15.69 12.69 3.98
CA SER B 257 16.64 11.63 3.70
C SER B 257 16.06 10.43 2.94
N GLU B 258 16.94 9.75 2.22
CA GLU B 258 16.63 8.50 1.56
C GLU B 258 16.21 7.47 2.60
N ARG B 259 16.82 7.55 3.77
CA ARG B 259 16.50 6.63 4.87
C ARG B 259 15.04 6.75 5.30
N LEU B 260 14.56 7.97 5.46
CA LEU B 260 13.18 8.17 5.89
C LEU B 260 12.18 7.68 4.84
N ALA B 261 12.46 7.96 3.58
CA ALA B 261 11.64 7.48 2.47
C ALA B 261 11.59 5.95 2.49
N THR B 262 12.76 5.33 2.63
CA THR B 262 12.89 3.88 2.73
C THR B 262 12.02 3.31 3.86
N GLN B 263 12.08 3.93 5.03
CA GLN B 263 11.34 3.47 6.19
C GLN B 263 9.84 3.54 5.99
N LYS B 264 9.37 4.62 5.36
CA LYS B 264 7.94 4.79 5.11
C LYS B 264 7.43 3.81 4.06
N ILE B 265 8.19 3.63 2.99
CA ILE B 265 7.84 2.67 1.94
C ILE B 265 7.77 1.25 2.49
N LEU B 266 8.81 0.83 3.20
CA LEU B 266 8.86 -0.52 3.75
C LEU B 266 7.78 -0.75 4.81
N SER B 267 7.44 0.28 5.56
CA SER B 267 6.38 0.18 6.56
C SER B 267 5.03 -0.14 5.94
N ILE B 268 4.68 0.57 4.86
CA ILE B 268 3.42 0.36 4.17
C ILE B 268 3.38 -1.02 3.50
N ILE B 269 4.47 -1.38 2.82
CA ILE B 269 4.55 -2.69 2.17
C ILE B 269 4.43 -3.80 3.22
N GLY B 270 5.10 -3.63 4.36
CA GLY B 270 5.01 -4.59 5.46
C GLY B 270 3.62 -4.79 5.98
N ASP B 271 2.91 -3.69 6.24
CA ASP B 271 1.54 -3.78 6.74
C ASP B 271 0.62 -4.40 5.70
N CYS B 272 0.85 -4.08 4.42
CA CYS B 272 0.04 -4.65 3.35
C CYS B 272 0.28 -6.15 3.19
N LEU B 273 1.54 -6.60 3.25
CA LEU B 273 1.84 -8.03 3.19
C LEU B 273 1.16 -8.77 4.32
N ASP B 274 1.22 -8.17 5.50
CA ASP B 274 0.67 -8.74 6.72
C ASP B 274 -0.82 -8.92 6.60
N ASN B 275 -1.51 -7.89 6.12
CA ASN B 275 -2.97 -7.87 6.13
C ASN B 275 -3.62 -8.33 4.83
N PHE B 276 -2.95 -8.11 3.70
CA PHE B 276 -3.55 -8.33 2.39
C PHE B 276 -2.85 -9.38 1.51
N GLY B 277 -1.60 -9.70 1.79
CA GLY B 277 -0.81 -10.53 0.89
C GLY B 277 -1.06 -12.01 1.13
N PRO B 278 -1.33 -12.77 0.06
CA PRO B 278 -1.60 -14.20 0.23
C PRO B 278 -0.34 -14.99 0.59
N GLY B 279 -0.42 -15.78 1.66
CA GLY B 279 0.70 -16.63 2.06
C GLY B 279 1.84 -15.94 2.77
N TYR B 280 1.68 -14.67 3.15
CA TYR B 280 2.75 -13.96 3.85
C TYR B 280 2.40 -14.00 5.32
N SER B 281 3.36 -14.39 6.15
CA SER B 281 3.12 -14.50 7.59
C SER B 281 4.37 -14.11 8.37
N SER B 282 4.17 -13.92 9.67
CA SER B 282 5.25 -13.55 10.58
C SER B 282 5.99 -12.32 10.07
N VAL B 283 5.25 -11.29 9.67
CA VAL B 283 5.86 -10.07 9.14
C VAL B 283 6.47 -9.26 10.30
N GLN B 284 7.79 -9.10 10.28
CA GLN B 284 8.51 -8.29 11.27
C GLN B 284 9.11 -7.03 10.65
N LYS B 285 8.69 -5.85 11.11
CA LYS B 285 9.28 -4.59 10.67
C LYS B 285 10.49 -4.24 11.53
N ILE B 286 11.66 -4.16 10.89
CA ILE B 286 12.91 -3.81 11.56
C ILE B 286 13.46 -2.57 10.86
N LEU B 287 12.70 -1.50 10.96
CA LEU B 287 12.94 -0.30 10.16
C LEU B 287 14.05 0.59 10.70
N ASN B 288 14.44 0.40 11.96
CA ASN B 288 15.48 1.22 12.59
C ASN B 288 16.87 0.60 12.55
N ALA B 289 17.02 -0.55 11.87
CA ALA B 289 18.33 -1.16 11.67
C ALA B 289 19.17 -0.32 10.72
N ARG B 290 20.48 -0.55 10.70
CA ARG B 290 21.40 0.16 9.81
C ARG B 290 20.88 0.14 8.37
N CYS B 291 20.46 -1.04 7.92
CA CYS B 291 19.74 -1.20 6.67
CA CYS B 291 19.74 -1.19 6.67
C CYS B 291 18.30 -1.58 6.99
N PRO B 292 17.36 -0.61 6.91
CA PRO B 292 15.96 -0.92 7.26
C PRO B 292 15.45 -2.17 6.55
N LEU B 293 14.68 -2.96 7.27
CA LEU B 293 14.36 -4.30 6.82
C LEU B 293 12.96 -4.73 7.24
N VAL B 294 12.32 -5.52 6.37
CA VAL B 294 11.10 -6.22 6.72
C VAL B 294 11.34 -7.72 6.51
N LYS B 295 11.15 -8.50 7.57
CA LYS B 295 11.27 -9.96 7.52
C LYS B 295 9.91 -10.59 7.40
N PHE B 296 9.81 -11.71 6.69
CA PHE B 296 8.56 -12.44 6.58
C PHE B 296 8.76 -13.88 6.09
N SER B 297 7.77 -14.73 6.41
CA SER B 297 7.72 -16.10 5.92
C SER B 297 6.76 -16.15 4.74
N HIS B 298 7.24 -16.65 3.60
CA HIS B 298 6.41 -16.82 2.41
C HIS B 298 5.96 -18.29 2.33
N GLN B 299 4.70 -18.54 2.70
CA GLN B 299 4.20 -19.90 2.85
CA GLN B 299 4.18 -19.91 2.83
C GLN B 299 4.15 -20.69 1.53
N PRO B 300 3.74 -20.05 0.42
CA PRO B 300 3.68 -20.81 -0.84
C PRO B 300 5.00 -21.45 -1.25
N THR B 301 6.12 -20.74 -1.01
CA THR B 301 7.45 -21.27 -1.32
C THR B 301 8.14 -21.88 -0.10
N GLY B 302 7.72 -21.47 1.09
CA GLY B 302 8.33 -21.93 2.32
C GLY B 302 9.63 -21.21 2.66
N PHE B 303 9.90 -20.10 1.98
CA PHE B 303 11.10 -19.33 2.21
C PHE B 303 10.92 -18.32 3.35
N GLN B 304 11.99 -18.13 4.11
CA GLN B 304 12.12 -17.01 5.01
CA GLN B 304 12.11 -16.99 5.01
C GLN B 304 12.76 -15.89 4.20
N CYS B 305 12.13 -14.72 4.21
CA CYS B 305 12.55 -13.63 3.33
C CYS B 305 12.87 -12.34 4.09
N ASP B 306 13.74 -11.55 3.50
CA ASP B 306 14.11 -10.26 4.03
C ASP B 306 14.06 -9.22 2.92
N LEU B 307 13.24 -8.20 3.10
CA LEU B 307 13.04 -7.17 2.09
C LEU B 307 13.59 -5.84 2.57
N SER B 308 14.48 -5.26 1.77
CA SER B 308 15.04 -3.94 2.02
C SER B 308 15.10 -3.16 0.71
N VAL B 309 15.37 -1.87 0.80
CA VAL B 309 15.52 -1.03 -0.38
C VAL B 309 16.95 -1.16 -0.89
N SER B 310 17.09 -1.19 -2.21
CA SER B 310 18.36 -1.49 -2.86
C SER B 310 19.56 -0.76 -2.24
N ASN B 311 20.61 -1.53 -1.90
CA ASN B 311 21.87 -1.00 -1.38
C ASN B 311 23.00 -1.31 -2.35
N SER B 312 23.57 -0.26 -2.93
CA SER B 312 24.55 -0.42 -4.01
C SER B 312 25.82 -1.18 -3.57
N ILE B 313 26.25 -1.01 -2.32
CA ILE B 313 27.44 -1.69 -1.81
C ILE B 313 27.18 -3.19 -1.66
N ALA B 314 26.02 -3.54 -1.12
CA ALA B 314 25.63 -4.94 -0.96
C ALA B 314 25.56 -5.67 -2.30
N ILE B 315 25.14 -4.96 -3.35
CA ILE B 315 25.05 -5.54 -4.68
C ILE B 315 26.44 -5.78 -5.27
N ARG B 316 27.37 -4.86 -5.05
CA ARG B 316 28.76 -5.05 -5.49
C ARG B 316 29.37 -6.25 -4.80
N CYS B 317 29.08 -6.41 -3.51
CA CYS B 317 29.59 -7.54 -2.72
CA CYS B 317 29.58 -7.52 -2.73
C CYS B 317 29.11 -8.86 -3.28
N SER B 318 27.82 -8.93 -3.63
CA SER B 318 27.26 -10.16 -4.19
C SER B 318 27.92 -10.52 -5.52
N GLU B 319 28.15 -9.51 -6.37
CA GLU B 319 28.79 -9.77 -7.66
C GLU B 319 30.25 -10.18 -7.50
N LEU B 320 30.94 -9.59 -6.53
CA LEU B 320 32.34 -9.97 -6.25
C LEU B 320 32.44 -11.42 -5.83
N LEU B 321 31.60 -11.84 -4.89
CA LEU B 321 31.60 -13.23 -4.43
C LEU B 321 31.19 -14.18 -5.55
N TYR B 322 30.25 -13.75 -6.41
CA TYR B 322 29.86 -14.52 -7.61
C TYR B 322 31.06 -14.78 -8.53
N ILE B 323 31.84 -13.72 -8.78
CA ILE B 323 33.05 -13.86 -9.59
C ILE B 323 33.97 -14.91 -8.97
N TYR B 324 34.28 -14.76 -7.68
CA TYR B 324 35.19 -15.67 -7.00
C TYR B 324 34.70 -17.11 -7.00
N GLY B 325 33.40 -17.30 -6.72
CA GLY B 325 32.80 -18.62 -6.77
C GLY B 325 32.83 -19.26 -8.14
N CYS B 326 32.67 -18.45 -9.19
CA CYS B 326 32.67 -18.96 -10.57
C CYS B 326 34.06 -19.27 -11.11
N LEU B 327 35.08 -18.64 -10.54
CA LEU B 327 36.44 -18.76 -11.07
C LEU B 327 37.02 -20.16 -10.95
N ASP B 328 36.71 -20.85 -9.85
CA ASP B 328 37.31 -22.15 -9.58
C ASP B 328 36.44 -22.94 -8.60
N PRO B 329 36.15 -24.21 -8.91
CA PRO B 329 35.26 -25.00 -8.04
C PRO B 329 35.80 -25.23 -6.62
N ARG B 330 37.12 -25.14 -6.44
CA ARG B 330 37.73 -25.26 -5.11
C ARG B 330 37.30 -24.14 -4.17
N VAL B 331 37.00 -22.96 -4.72
CA VAL B 331 36.53 -21.82 -3.95
C VAL B 331 35.22 -22.17 -3.23
N ARG B 332 34.24 -22.63 -3.99
CA ARG B 332 32.95 -23.03 -3.42
C ARG B 332 33.08 -24.23 -2.49
N ALA B 333 33.84 -25.24 -2.90
CA ALA B 333 34.07 -26.42 -2.05
C ALA B 333 34.61 -26.04 -0.68
N LEU B 334 35.60 -25.15 -0.65
CA LEU B 334 36.19 -24.70 0.60
C LEU B 334 35.19 -23.94 1.47
N VAL B 335 34.47 -23.00 0.86
CA VAL B 335 33.53 -22.17 1.60
C VAL B 335 32.41 -22.99 2.24
N PHE B 336 31.80 -23.89 1.47
CA PHE B 336 30.71 -24.72 2.01
C PHE B 336 31.18 -25.59 3.17
N SER B 337 32.33 -26.26 3.01
CA SER B 337 32.87 -27.12 4.07
C SER B 337 33.22 -26.33 5.34
N LEU B 338 33.86 -25.17 5.17
CA LEU B 338 34.29 -24.35 6.31
C LEU B 338 33.13 -23.67 7.03
N ARG B 339 32.07 -23.31 6.30
CA ARG B 339 30.87 -22.78 6.94
CA ARG B 339 30.86 -22.77 6.94
C ARG B 339 30.20 -23.84 7.79
N CYS B 340 30.16 -25.07 7.28
CA CYS B 340 29.59 -26.19 8.01
C CYS B 340 30.42 -26.47 9.26
N TRP B 341 31.73 -26.49 9.10
CA TRP B 341 32.70 -26.61 10.20
C TRP B 341 32.43 -25.56 11.29
N ALA B 342 32.30 -24.30 10.89
CA ALA B 342 32.08 -23.20 11.84
C ALA B 342 30.79 -23.37 12.64
N ARG B 343 29.72 -23.78 11.96
CA ARG B 343 28.43 -24.03 12.60
C ARG B 343 28.49 -25.18 13.59
N VAL B 344 29.08 -26.30 13.16
CA VAL B 344 29.21 -27.48 13.99
C VAL B 344 29.93 -27.19 15.31
N HIS B 345 30.96 -26.36 15.25
CA HIS B 345 31.76 -26.04 16.44
C HIS B 345 31.30 -24.78 17.18
N GLY B 346 30.12 -24.29 16.84
CA GLY B 346 29.52 -23.15 17.54
C GLY B 346 30.20 -21.81 17.31
N LEU B 347 30.96 -21.70 16.23
CA LEU B 347 31.67 -20.46 15.92
C LEU B 347 30.75 -19.44 15.24
N THR B 348 29.79 -19.93 14.46
CA THR B 348 28.75 -19.08 13.89
C THR B 348 27.44 -19.35 14.61
N ASN B 349 26.51 -18.41 14.49
CA ASN B 349 25.22 -18.53 15.14
C ASN B 349 24.13 -17.84 14.31
N SER B 350 22.89 -18.30 14.47
CA SER B 350 21.76 -17.75 13.73
C SER B 350 21.44 -16.29 14.11
N VAL B 351 21.70 -15.93 15.37
CA VAL B 351 21.43 -14.57 15.86
C VAL B 351 22.71 -13.73 15.92
N PRO B 352 22.62 -12.42 15.56
CA PRO B 352 23.80 -11.56 15.64
C PRO B 352 24.37 -11.41 17.05
N GLY B 353 25.68 -11.21 17.14
CA GLY B 353 26.34 -11.09 18.44
C GLY B 353 27.85 -10.94 18.29
N THR B 354 28.59 -11.58 19.19
CA THR B 354 30.05 -11.53 19.17
C THR B 354 30.67 -12.60 18.27
N TRP B 355 29.83 -13.48 17.71
CA TRP B 355 30.29 -14.55 16.84
C TRP B 355 30.79 -14.00 15.50
N ILE B 356 31.78 -14.67 14.92
CA ILE B 356 32.16 -14.39 13.54
C ILE B 356 30.95 -14.72 12.67
N THR B 357 30.68 -13.88 11.69
CA THR B 357 29.56 -14.12 10.76
C THR B 357 30.01 -14.97 9.59
N ASN B 358 29.05 -15.60 8.91
CA ASN B 358 29.36 -16.35 7.68
C ASN B 358 30.01 -15.48 6.63
N PHE B 359 29.60 -14.22 6.54
CA PHE B 359 30.19 -13.31 5.60
C PHE B 359 31.66 -13.03 5.93
N SER B 360 31.95 -12.72 7.20
CA SER B 360 33.32 -12.50 7.64
C SER B 360 34.19 -13.73 7.38
N LEU B 361 33.67 -14.90 7.75
CA LEU B 361 34.36 -16.16 7.50
C LEU B 361 34.65 -16.36 6.00
N THR B 362 33.65 -16.11 5.17
CA THR B 362 33.79 -16.22 3.71
C THR B 362 34.90 -15.31 3.20
N MET B 363 34.97 -14.10 3.72
CA MET B 363 36.01 -13.15 3.33
CA MET B 363 36.01 -13.14 3.34
C MET B 363 37.40 -13.61 3.80
N MET B 364 37.46 -14.22 4.99
CA MET B 364 38.72 -14.81 5.46
C MET B 364 39.18 -15.91 4.51
N ILE B 365 38.23 -16.73 4.04
CA ILE B 365 38.54 -17.79 3.08
C ILE B 365 39.05 -17.19 1.76
N MET B 366 38.39 -16.13 1.28
CA MET B 366 38.82 -15.45 0.06
C MET B 366 40.25 -14.92 0.21
N PHE B 367 40.52 -14.29 1.35
CA PHE B 367 41.86 -13.79 1.66
C PHE B 367 42.90 -14.92 1.63
N PHE B 368 42.59 -16.02 2.30
CA PHE B 368 43.42 -17.23 2.27
C PHE B 368 43.74 -17.67 0.84
N LEU B 369 42.72 -17.68 -0.01
CA LEU B 369 42.89 -18.09 -1.40
C LEU B 369 43.70 -17.09 -2.23
N GLN B 370 43.57 -15.81 -1.91
CA GLN B 370 44.41 -14.76 -2.51
C GLN B 370 45.89 -14.94 -2.19
N LYS B 371 46.19 -15.55 -1.04
CA LYS B 371 47.57 -15.67 -0.55
C LYS B 371 48.28 -16.98 -0.89
N ARG B 372 47.65 -17.83 -1.70
CA ARG B 372 48.29 -19.05 -2.16
C ARG B 372 49.43 -18.72 -3.13
N SER B 373 50.33 -19.68 -3.33
CA SER B 373 51.47 -19.52 -4.23
C SER B 373 51.40 -20.55 -5.36
N PRO B 374 50.90 -20.15 -6.54
CA PRO B 374 50.34 -18.85 -6.91
C PRO B 374 48.90 -18.70 -6.41
N PRO B 375 48.36 -17.46 -6.37
CA PRO B 375 47.00 -17.24 -5.89
C PRO B 375 45.95 -18.04 -6.66
N ILE B 376 44.95 -18.55 -5.94
CA ILE B 376 43.83 -19.24 -6.56
C ILE B 376 42.83 -18.23 -7.13
N ILE B 377 42.73 -17.06 -6.50
CA ILE B 377 41.87 -15.97 -7.01
C ILE B 377 42.63 -14.64 -6.99
N PRO B 378 42.27 -13.71 -7.89
CA PRO B 378 42.94 -12.41 -7.88
C PRO B 378 42.45 -11.51 -6.75
N THR B 379 43.24 -10.49 -6.45
CA THR B 379 42.87 -9.49 -5.46
C THR B 379 41.81 -8.57 -6.06
N LEU B 380 41.11 -7.80 -5.22
CA LEU B 380 40.10 -6.89 -5.72
C LEU B 380 40.72 -5.74 -6.53
N ASP B 381 41.92 -5.29 -6.14
CA ASP B 381 42.63 -4.28 -6.94
C ASP B 381 43.00 -4.80 -8.33
N GLN B 382 43.35 -6.08 -8.44
CA GLN B 382 43.59 -6.70 -9.74
C GLN B 382 42.33 -6.73 -10.59
N LEU B 383 41.20 -7.05 -9.98
CA LEU B 383 39.91 -7.04 -10.67
C LEU B 383 39.51 -5.61 -11.07
N LYS B 384 39.85 -4.64 -10.24
CA LYS B 384 39.61 -3.23 -10.55
C LYS B 384 40.40 -2.80 -11.79
N GLU B 385 41.68 -3.18 -11.86
CA GLU B 385 42.54 -2.79 -12.97
C GLU B 385 42.14 -3.44 -14.31
N LEU B 386 41.47 -4.59 -14.24
CA LEU B 386 40.96 -5.26 -15.44
C LEU B 386 39.65 -4.65 -15.95
N ALA B 387 39.06 -3.75 -15.16
CA ALA B 387 37.77 -3.15 -15.50
C ALA B 387 37.91 -2.06 -16.56
N ASP B 388 37.03 -2.10 -17.56
CA ASP B 388 36.94 -1.05 -18.57
CA ASP B 388 36.95 -1.04 -18.57
C ASP B 388 35.96 0.03 -18.10
N GLU B 389 35.79 1.08 -18.91
CA GLU B 389 34.86 2.17 -18.56
C GLU B 389 33.44 1.69 -18.27
N LYS B 390 32.99 0.67 -19.00
CA LYS B 390 31.63 0.14 -18.83
C LYS B 390 31.42 -0.48 -17.44
N ASP B 391 32.51 -0.95 -16.82
CA ASP B 391 32.47 -1.54 -15.48
C ASP B 391 32.79 -0.53 -14.37
N LYS B 392 32.68 0.77 -14.67
CA LYS B 392 32.95 1.81 -13.68
C LYS B 392 31.77 1.91 -12.70
N HIS B 393 32.08 1.82 -11.41
CA HIS B 393 31.07 1.94 -10.36
C HIS B 393 31.67 2.67 -9.17
N VAL B 394 31.33 3.95 -9.02
CA VAL B 394 31.81 4.78 -7.91
C VAL B 394 30.66 4.98 -6.95
N ILE B 395 30.87 4.61 -5.68
CA ILE B 395 29.85 4.73 -4.64
C ILE B 395 30.40 5.53 -3.47
N GLY B 396 29.73 6.62 -3.13
CA GLY B 396 30.16 7.50 -2.04
C GLY B 396 31.56 8.04 -2.21
N GLY B 397 31.96 8.27 -3.47
CA GLY B 397 33.30 8.75 -3.79
C GLY B 397 34.37 7.67 -3.89
N TYR B 398 34.04 6.45 -3.49
CA TYR B 398 34.98 5.33 -3.47
C TYR B 398 34.81 4.48 -4.72
N ASP B 399 35.90 4.24 -5.44
CA ASP B 399 35.86 3.45 -6.66
C ASP B 399 35.61 1.97 -6.32
N CYS B 400 34.40 1.50 -6.65
CA CYS B 400 34.02 0.10 -6.43
C CYS B 400 33.96 -0.68 -7.73
N SER B 401 34.79 -0.27 -8.70
CA SER B 401 34.80 -0.88 -10.02
C SER B 401 35.56 -2.21 -9.99
N PHE B 402 35.06 -3.17 -10.76
CA PHE B 402 35.82 -4.38 -11.07
C PHE B 402 35.26 -5.05 -12.32
N VAL B 403 36.10 -5.86 -12.96
CA VAL B 403 35.74 -6.52 -14.21
C VAL B 403 34.53 -7.43 -14.03
N SER B 404 33.59 -7.37 -14.97
CA SER B 404 32.37 -8.19 -14.94
C SER B 404 32.49 -9.41 -15.84
N ASP B 405 33.34 -9.32 -16.86
CA ASP B 405 33.56 -10.41 -17.81
C ASP B 405 34.61 -11.39 -17.26
N LEU B 406 34.17 -12.60 -16.95
CA LEU B 406 35.04 -13.60 -16.33
C LEU B 406 36.16 -14.09 -17.24
N SER B 407 35.95 -14.02 -18.56
CA SER B 407 36.95 -14.46 -19.54
CA SER B 407 36.95 -14.46 -19.54
C SER B 407 38.17 -13.54 -19.56
N LYS B 408 38.03 -12.33 -19.04
CA LYS B 408 39.14 -11.38 -18.96
C LYS B 408 40.10 -11.68 -17.79
N ILE B 409 39.70 -12.58 -16.90
CA ILE B 409 40.54 -13.00 -15.78
C ILE B 409 41.34 -14.23 -16.19
N LYS B 410 42.66 -14.13 -16.13
CA LYS B 410 43.54 -15.24 -16.49
C LYS B 410 43.35 -16.39 -15.49
N PRO B 411 43.03 -17.59 -15.98
CA PRO B 411 42.84 -18.74 -15.09
C PRO B 411 44.06 -19.00 -14.19
N THR B 412 43.80 -19.42 -12.96
CA THR B 412 44.87 -19.70 -12.00
C THR B 412 45.74 -20.88 -12.45
N LYS B 413 47.04 -20.79 -12.15
CA LYS B 413 47.95 -21.89 -12.40
C LYS B 413 48.13 -22.75 -11.14
N ASN B 414 47.47 -22.38 -10.06
CA ASN B 414 47.48 -23.17 -8.81
C ASN B 414 46.74 -24.49 -9.02
N THR B 415 47.40 -25.60 -8.68
CA THR B 415 46.84 -26.93 -8.83
CA THR B 415 46.83 -26.93 -8.83
C THR B 415 46.78 -27.68 -7.49
N GLU B 416 46.84 -26.94 -6.39
CA GLU B 416 46.77 -27.56 -5.06
C GLU B 416 45.45 -28.29 -4.91
N THR B 417 45.50 -29.46 -4.27
CA THR B 417 44.30 -30.24 -4.04
C THR B 417 43.55 -29.69 -2.83
N LEU B 418 42.27 -30.02 -2.73
CA LEU B 418 41.46 -29.59 -1.58
C LEU B 418 41.95 -30.21 -0.28
N ASP B 419 42.52 -31.42 -0.39
CA ASP B 419 43.13 -32.09 0.77
CA ASP B 419 43.16 -32.10 0.75
C ASP B 419 44.16 -31.15 1.42
N GLU B 420 45.06 -30.59 0.62
CA GLU B 420 46.06 -29.63 1.09
C GLU B 420 45.42 -28.34 1.61
N LEU B 421 44.52 -27.78 0.81
CA LEU B 421 43.96 -26.45 1.09
C LEU B 421 43.16 -26.41 2.39
N LEU B 422 42.43 -27.48 2.68
CA LEU B 422 41.64 -27.54 3.91
C LEU B 422 42.54 -27.51 5.15
N CYS B 423 43.55 -28.37 5.15
CA CYS B 423 44.50 -28.42 6.27
CA CYS B 423 44.49 -28.41 6.28
C CYS B 423 45.28 -27.11 6.38
N ASP B 424 45.69 -26.58 5.22
CA ASP B 424 46.46 -25.33 5.18
C ASP B 424 45.66 -24.13 5.65
N PHE B 425 44.34 -24.13 5.40
CA PHE B 425 43.47 -23.06 5.92
C PHE B 425 43.52 -23.04 7.45
N PHE B 426 43.33 -24.20 8.05
CA PHE B 426 43.37 -24.34 9.51
C PHE B 426 44.75 -23.96 10.06
N GLN B 427 45.81 -24.43 9.39
CA GLN B 427 47.17 -24.11 9.78
C GLN B 427 47.45 -22.61 9.68
N TYR B 428 47.03 -21.99 8.57
CA TYR B 428 47.28 -20.57 8.32
C TYR B 428 46.65 -19.68 9.38
N PHE B 429 45.34 -19.84 9.59
CA PHE B 429 44.66 -18.99 10.56
C PHE B 429 44.89 -19.44 12.01
N GLY B 430 45.25 -20.70 12.20
CA GLY B 430 45.66 -21.19 13.51
C GLY B 430 46.95 -20.55 14.00
N ASN B 431 47.75 -20.03 13.07
CA ASN B 431 49.03 -19.38 13.40
C ASN B 431 49.11 -17.91 12.96
N PHE B 432 47.97 -17.35 12.56
CA PHE B 432 47.88 -15.97 12.10
C PHE B 432 47.96 -14.99 13.28
N ASP B 433 48.75 -13.94 13.13
CA ASP B 433 48.88 -12.92 14.17
C ASP B 433 47.74 -11.91 14.07
N PHE B 434 46.63 -12.22 14.73
CA PHE B 434 45.45 -11.35 14.70
C PHE B 434 45.64 -10.05 15.50
N ARG B 435 46.58 -10.04 16.45
CA ARG B 435 46.86 -8.83 17.24
C ARG B 435 47.51 -7.74 16.38
N LYS B 436 48.44 -8.14 15.52
CA LYS B 436 49.21 -7.17 14.73
C LYS B 436 48.68 -6.95 13.31
N ASN B 437 48.06 -7.98 12.73
CA ASN B 437 47.70 -7.95 11.31
C ASN B 437 46.20 -7.88 11.05
N SER B 438 45.82 -7.17 9.99
CA SER B 438 44.45 -7.14 9.48
C SER B 438 44.43 -7.76 8.10
N LEU B 439 43.25 -8.14 7.62
CA LEU B 439 43.09 -8.77 6.32
C LEU B 439 42.58 -7.75 5.28
N ASN B 440 43.44 -7.42 4.32
CA ASN B 440 43.08 -6.52 3.24
C ASN B 440 42.90 -7.29 1.92
N LEU B 441 41.66 -7.45 1.48
CA LEU B 441 41.35 -8.23 0.28
C LEU B 441 41.56 -7.46 -1.03
N ARG B 442 41.67 -6.14 -0.95
CA ARG B 442 42.03 -5.34 -2.12
C ARG B 442 43.49 -5.57 -2.48
N LYS B 443 44.35 -5.63 -1.46
CA LYS B 443 45.80 -5.80 -1.65
C LYS B 443 46.21 -7.28 -1.65
N GLY B 444 45.40 -8.12 -1.01
CA GLY B 444 45.77 -9.53 -0.80
C GLY B 444 46.96 -9.64 0.13
N LYS B 445 47.01 -8.76 1.13
CA LYS B 445 48.15 -8.68 2.04
C LYS B 445 47.70 -8.49 3.48
N GLU B 446 48.54 -8.97 4.39
CA GLU B 446 48.40 -8.70 5.81
C GLU B 446 48.95 -7.30 6.05
N VAL B 447 48.17 -6.41 6.66
CA VAL B 447 48.60 -5.03 6.90
C VAL B 447 48.25 -4.58 8.31
N ASN B 448 48.91 -3.51 8.76
CA ASN B 448 48.64 -2.92 10.07
C ASN B 448 47.17 -2.60 10.24
N LYS B 449 46.68 -2.78 11.46
CA LYS B 449 45.26 -2.55 11.76
C LYS B 449 44.98 -1.06 11.90
N PRO B 450 44.04 -0.53 11.08
CA PRO B 450 43.65 0.88 11.19
C PRO B 450 43.10 1.26 12.57
N GLU B 451 42.33 0.36 13.17
CA GLU B 451 41.78 0.56 14.51
C GLU B 451 41.98 -0.70 15.33
N SER B 452 42.01 -0.54 16.66
CA SER B 452 42.15 -1.66 17.57
C SER B 452 40.85 -2.47 17.62
N SER B 453 40.91 -3.71 17.15
CA SER B 453 39.79 -4.63 17.19
C SER B 453 40.36 -6.04 17.10
N PRO B 454 39.81 -7.00 17.86
CA PRO B 454 40.37 -8.36 17.86
C PRO B 454 40.58 -8.93 16.45
N LEU B 455 39.54 -8.88 15.63
CA LEU B 455 39.59 -9.38 14.26
C LEU B 455 39.27 -8.24 13.31
N TYR B 456 40.26 -7.84 12.51
CA TYR B 456 40.07 -6.75 11.55
C TYR B 456 40.15 -7.26 10.11
N ILE B 457 39.01 -7.23 9.43
CA ILE B 457 38.93 -7.53 8.00
C ILE B 457 38.43 -6.27 7.29
N TRP B 458 39.23 -5.75 6.36
CA TRP B 458 38.91 -4.50 5.67
C TRP B 458 37.64 -4.66 4.81
N ASN B 459 36.69 -3.75 4.96
CA ASN B 459 35.56 -3.67 4.03
C ASN B 459 36.08 -3.21 2.67
N PRO B 460 35.92 -4.05 1.63
CA PRO B 460 36.54 -3.75 0.34
C PRO B 460 35.88 -2.62 -0.47
N PHE B 461 34.67 -2.19 -0.09
CA PHE B 461 33.95 -1.15 -0.84
C PHE B 461 33.63 0.11 -0.02
N GLU B 462 34.07 0.14 1.25
CA GLU B 462 33.91 1.33 2.08
C GLU B 462 35.20 1.59 2.86
N GLN B 463 35.61 2.86 2.88
CA GLN B 463 36.87 3.23 3.54
C GLN B 463 36.74 3.21 5.06
N ASP B 464 37.80 2.77 5.73
CA ASP B 464 37.90 2.79 7.19
C ASP B 464 36.78 2.02 7.89
N LEU B 465 36.42 0.87 7.35
CA LEU B 465 35.36 0.05 7.93
C LEU B 465 35.82 -1.41 8.11
N ASN B 466 35.57 -1.95 9.31
CA ASN B 466 35.91 -3.32 9.66
C ASN B 466 34.65 -4.17 9.64
N ILE B 467 34.58 -5.13 8.72
CA ILE B 467 33.39 -5.99 8.62
C ILE B 467 33.21 -6.92 9.83
N SER B 468 34.31 -7.21 10.54
CA SER B 468 34.28 -8.10 11.70
C SER B 468 34.49 -7.36 13.02
N LYS B 469 34.02 -6.11 13.09
CA LYS B 469 34.16 -5.30 14.31
C LYS B 469 33.38 -5.90 15.48
N ASN B 470 32.32 -6.64 15.18
CA ASN B 470 31.50 -7.29 16.20
C ASN B 470 32.21 -8.37 17.02
N VAL B 471 33.27 -8.95 16.46
CA VAL B 471 33.92 -10.11 17.06
C VAL B 471 34.80 -9.69 18.26
N ASN B 472 34.59 -10.35 19.40
CA ASN B 472 35.38 -10.08 20.60
C ASN B 472 36.55 -11.06 20.72
N GLN B 473 37.43 -10.83 21.69
CA GLN B 473 38.64 -11.65 21.84
C GLN B 473 38.33 -13.11 22.21
N PRO B 474 37.38 -13.35 23.12
CA PRO B 474 36.97 -14.73 23.42
C PRO B 474 36.56 -15.55 22.19
N GLN B 475 35.70 -14.99 21.34
CA GLN B 475 35.22 -15.70 20.16
C GLN B 475 36.34 -15.93 19.15
N LEU B 476 37.20 -14.92 18.97
CA LEU B 476 38.36 -15.06 18.10
C LEU B 476 39.29 -16.16 18.59
N GLU B 477 39.53 -16.20 19.90
CA GLU B 477 40.38 -17.24 20.50
C GLU B 477 39.77 -18.63 20.36
N LYS B 478 38.45 -18.73 20.44
CA LYS B 478 37.75 -20.00 20.20
C LYS B 478 37.99 -20.48 18.76
N PHE B 479 37.80 -19.56 17.80
CA PHE B 479 38.04 -19.86 16.39
C PHE B 479 39.46 -20.40 16.17
N VAL B 480 40.44 -19.70 16.75
CA VAL B 480 41.85 -20.09 16.63
C VAL B 480 42.10 -21.47 17.23
N ALA B 481 41.53 -21.72 18.41
CA ALA B 481 41.67 -23.02 19.07
C ALA B 481 41.07 -24.14 18.23
N MET B 482 39.88 -23.91 17.68
CA MET B 482 39.22 -24.89 16.81
C MET B 482 40.03 -25.14 15.53
N ALA B 483 40.61 -24.08 14.97
CA ALA B 483 41.43 -24.19 13.78
C ALA B 483 42.69 -25.03 14.05
N ARG B 484 43.36 -24.74 15.16
CA ARG B 484 44.57 -25.48 15.52
C ARG B 484 44.28 -26.96 15.79
N GLU B 485 43.19 -27.23 16.51
CA GLU B 485 42.78 -28.62 16.79
C GLU B 485 42.42 -29.35 15.50
N SER B 486 41.69 -28.68 14.61
CA SER B 486 41.31 -29.26 13.32
C SER B 486 42.55 -29.59 12.47
N ALA B 487 43.53 -28.69 12.47
CA ALA B 487 44.78 -28.91 11.76
C ALA B 487 45.52 -30.14 12.30
N TRP B 488 45.57 -30.26 13.62
CA TRP B 488 46.24 -31.38 14.27
C TRP B 488 45.54 -32.71 13.95
N ILE B 489 44.22 -32.73 14.04
CA ILE B 489 43.44 -33.93 13.71
C ILE B 489 43.75 -34.42 12.30
N LEU B 490 43.74 -33.51 11.33
CA LEU B 490 44.00 -33.87 9.93
C LEU B 490 45.47 -34.28 9.71
N GLN B 491 46.39 -33.62 10.41
CA GLN B 491 47.82 -33.94 10.28
C GLN B 491 48.18 -35.31 10.87
N LYS B 492 47.54 -35.67 11.98
CA LYS B 492 47.93 -36.87 12.74
C LYS B 492 47.13 -38.12 12.42
N GLU B 493 45.95 -37.99 11.84
CA GLU B 493 45.08 -39.16 11.62
C GLU B 493 45.65 -40.16 10.61
N ASP B 494 45.32 -41.43 10.81
CA ASP B 494 45.61 -42.49 9.86
C ASP B 494 44.29 -42.87 9.17
N LYS B 495 44.06 -42.27 8.00
CA LYS B 495 42.76 -42.34 7.33
C LYS B 495 42.38 -43.75 6.91
N THR B 496 43.35 -44.53 6.44
CA THR B 496 43.10 -45.91 6.03
C THR B 496 42.55 -46.78 7.17
N GLN B 497 43.13 -46.61 8.37
CA GLN B 497 42.69 -47.36 9.54
C GLN B 497 41.31 -46.91 10.03
N GLN B 498 41.06 -45.60 9.99
CA GLN B 498 39.75 -45.05 10.38
C GLN B 498 38.62 -45.61 9.51
N MET B 499 38.89 -45.75 8.21
CA MET B 499 37.94 -46.35 7.28
C MET B 499 37.65 -47.80 7.67
N ILE B 500 38.70 -48.55 7.97
CA ILE B 500 38.57 -49.94 8.42
C ILE B 500 37.87 -50.02 9.76
N ASN B 501 38.23 -49.13 10.68
CA ASN B 501 37.63 -49.06 12.01
C ASN B 501 36.22 -48.44 12.02
N LYS B 502 35.76 -47.95 10.87
CA LYS B 502 34.44 -47.33 10.73
C LYS B 502 34.29 -46.09 11.62
N GLU B 503 35.36 -45.31 11.73
CA GLU B 503 35.35 -44.06 12.48
C GLU B 503 35.49 -42.87 11.52
N PRO B 504 35.03 -41.69 11.95
CA PRO B 504 35.17 -40.49 11.12
C PRO B 504 36.62 -40.17 10.75
N TRP B 505 36.83 -39.73 9.51
CA TRP B 505 38.15 -39.35 9.02
C TRP B 505 38.02 -38.17 8.07
N GLY B 506 39.13 -37.47 7.84
CA GLY B 506 39.16 -36.35 6.91
C GLY B 506 38.20 -35.26 7.31
N LEU B 507 37.44 -34.75 6.34
CA LEU B 507 36.44 -33.73 6.60
C LEU B 507 35.46 -34.14 7.70
N ALA B 508 35.02 -35.40 7.66
CA ALA B 508 34.08 -35.91 8.67
C ALA B 508 34.65 -35.80 10.09
N ALA B 509 35.96 -35.99 10.23
CA ALA B 509 36.62 -35.90 11.53
C ALA B 509 36.59 -34.48 12.13
N VAL B 510 36.55 -33.46 11.27
CA VAL B 510 36.47 -32.07 11.75
C VAL B 510 35.04 -31.51 11.72
N LEU B 511 34.09 -32.28 11.20
CA LEU B 511 32.68 -31.90 11.22
C LEU B 511 31.90 -32.60 12.35
N ILE B 512 32.59 -33.04 13.39
CA ILE B 512 31.96 -33.51 14.62
C ILE B 512 32.54 -32.75 15.81
N PRO B 513 31.75 -32.57 16.89
CA PRO B 513 32.24 -31.86 18.08
C PRO B 513 33.54 -32.44 18.64
N PHE B 514 34.42 -31.56 19.13
CA PHE B 514 35.67 -31.99 19.75
C PHE B 514 35.49 -32.13 21.26
CL CL C . -27.96 12.68 5.20
CL CL D . 27.01 -11.20 -0.84
CL CL E . 26.56 -24.84 6.90
CL CL F . -9.12 -31.90 -4.78
#